data_9BOH
#
_entry.id   9BOH
#
_cell.length_a   58.785
_cell.length_b   83.344
_cell.length_c   95.538
_cell.angle_alpha   90.00
_cell.angle_beta   91.72
_cell.angle_gamma   90.00
#
_symmetry.space_group_name_H-M   'P 1 21 1'
#
loop_
_entity.id
_entity.type
_entity.pdbx_description
1 polymer 'Serine hydroxymethyltransferase'
2 non-polymer 'SULFATE ION'
3 non-polymer (E)-N-({3-hydroxy-2-methyl-5-[(phosphonooxy)methyl]pyridin-4-yl}methylidene)glycine
4 non-polymer 'N-[4-({[(6S)-2-amino-5-formyl-4-oxo-3,4,5,6,7,8-hexahydropteridin-6-yl]methyl}amino)benzoyl]-L-glutamic acid'
5 water water
#
_entity_poly.entity_id   1
_entity_poly.type   'polypeptide(L)'
_entity_poly.pdbx_seq_one_letter_code
;KRDEALFELIALEEKRQREGLELIASENFVSKQVREAVGSVLTNKYAEGYPGARYYGGCEVIDRVESLAIERAKALFGAA
WANVQPHSGSQANMAVYMALMEPGDTLMGMDLAAGGHLTHGSRVNFSGKLYKVVSYGVRPDTELIDLEEVRRLALEHRPK
VIVAGASAYPRFWDFKAFREIADEVGAYLVVDMAHFAGLVAAGLHPNPLPYAHVVTSTTHKTLRGPRGGLILSNDPELGK
RIDKLIFPGIQGGPLEHVIAGKAVAFFEALQPEFKEYSRLVVENAKRLAEELARRGYRIVTGGTDNHLFLVDLRPKGLTG
KEAEERLDAVGITVNKNAIPFDPKPPRVTSGIRIGTPAITTRGFTPEEMPLVAELIDRALLEGPSEALREEVRRLALAHP
MP
;
_entity_poly.pdbx_strand_id   A,B
#
# COMPACT_ATOMS: atom_id res chain seq x y z
N LYS A 1 -9.44 -3.71 -26.03
CA LYS A 1 -8.77 -5.02 -26.23
C LYS A 1 -8.46 -5.66 -24.87
N ARG A 2 -8.97 -6.87 -24.66
CA ARG A 2 -8.74 -7.56 -23.39
C ARG A 2 -7.30 -8.07 -23.31
N ASP A 3 -6.71 -7.97 -22.11
CA ASP A 3 -5.37 -8.46 -21.85
C ASP A 3 -5.44 -9.97 -21.57
N GLU A 4 -5.51 -10.76 -22.63
N GLU A 4 -5.50 -10.76 -22.64
CA GLU A 4 -5.68 -12.23 -22.52
CA GLU A 4 -5.69 -12.23 -22.49
C GLU A 4 -4.53 -12.92 -21.77
C GLU A 4 -4.52 -12.88 -21.73
N ALA A 5 -3.30 -12.54 -22.04
CA ALA A 5 -2.15 -13.21 -21.36
C ALA A 5 -2.28 -13.06 -19.83
N LEU A 6 -2.59 -11.84 -19.40
CA LEU A 6 -2.71 -11.56 -17.94
C LEU A 6 -3.85 -12.41 -17.34
N PHE A 7 -5.01 -12.41 -17.98
CA PHE A 7 -6.19 -13.14 -17.43
C PHE A 7 -6.02 -14.67 -17.58
N GLU A 8 -5.19 -15.09 -18.54
N GLU A 8 -5.19 -15.09 -18.54
CA GLU A 8 -4.87 -16.54 -18.57
CA GLU A 8 -4.87 -16.54 -18.57
C GLU A 8 -4.12 -16.90 -17.26
C GLU A 8 -4.12 -16.90 -17.27
N LEU A 9 -3.26 -16.01 -16.80
CA LEU A 9 -2.47 -16.25 -15.55
C LEU A 9 -3.41 -16.23 -14.33
N ILE A 10 -4.35 -15.28 -14.33
CA ILE A 10 -5.24 -15.22 -13.18
C ILE A 10 -6.09 -16.51 -13.08
N ALA A 11 -6.55 -17.04 -14.21
CA ALA A 11 -7.29 -18.30 -14.18
C ALA A 11 -6.40 -19.46 -13.70
N LEU A 12 -5.14 -19.45 -14.08
CA LEU A 12 -4.23 -20.49 -13.59
C LEU A 12 -4.02 -20.35 -12.08
N GLU A 13 -3.91 -19.11 -11.58
CA GLU A 13 -3.72 -18.94 -10.15
C GLU A 13 -4.97 -19.37 -9.39
N GLU A 14 -6.17 -19.05 -9.91
CA GLU A 14 -7.40 -19.54 -9.30
C GLU A 14 -7.42 -21.06 -9.20
N LYS A 15 -7.00 -21.73 -10.27
CA LYS A 15 -6.93 -23.18 -10.28
C LYS A 15 -5.94 -23.70 -9.25
N ARG A 16 -4.76 -23.07 -9.18
CA ARG A 16 -3.77 -23.47 -8.18
C ARG A 16 -4.32 -23.36 -6.76
N GLN A 17 -5.04 -22.26 -6.47
CA GLN A 17 -5.59 -22.09 -5.12
C GLN A 17 -6.65 -23.15 -4.79
N ARG A 18 -7.53 -23.45 -5.76
CA ARG A 18 -8.60 -24.44 -5.57
C ARG A 18 -8.04 -25.83 -5.30
N GLU A 19 -6.94 -26.20 -6.01
CA GLU A 19 -6.48 -27.58 -6.04
C GLU A 19 -5.39 -27.91 -5.03
N GLY A 20 -5.04 -26.99 -4.12
CA GLY A 20 -3.98 -27.22 -3.17
C GLY A 20 -4.49 -27.04 -1.75
N LEU A 21 -3.62 -27.36 -0.79
CA LEU A 21 -3.92 -27.20 0.64
C LEU A 21 -2.97 -26.12 1.16
N GLU A 22 -3.52 -24.96 1.50
CA GLU A 22 -2.72 -23.81 1.90
C GLU A 22 -2.57 -23.84 3.42
N LEU A 23 -1.39 -24.19 3.92
CA LEU A 23 -1.19 -24.26 5.37
C LEU A 23 -0.24 -23.18 5.86
N ILE A 24 0.01 -22.16 5.06
CA ILE A 24 0.84 -21.07 5.57
C ILE A 24 -0.03 -20.24 6.52
N ALA A 25 0.50 -20.00 7.73
CA ALA A 25 -0.31 -19.50 8.83
C ALA A 25 -0.81 -18.08 8.60
N SER A 26 -0.15 -17.31 7.75
CA SER A 26 -0.53 -15.91 7.53
C SER A 26 -1.46 -15.76 6.33
N GLU A 27 -1.89 -16.87 5.71
CA GLU A 27 -2.76 -16.82 4.54
C GLU A 27 -4.22 -17.04 4.93
N ASN A 28 -5.11 -16.60 4.04
CA ASN A 28 -6.55 -16.83 4.19
C ASN A 28 -7.16 -16.65 2.80
N PHE A 29 -8.48 -16.82 2.71
CA PHE A 29 -9.23 -16.61 1.48
C PHE A 29 -10.34 -15.61 1.76
N VAL A 30 -10.31 -14.47 1.07
CA VAL A 30 -11.29 -13.42 1.31
C VAL A 30 -12.60 -13.77 0.61
N SER A 31 -13.67 -13.18 1.11
CA SER A 31 -15.00 -13.40 0.55
C SER A 31 -15.14 -12.67 -0.79
N LYS A 32 -16.20 -13.05 -1.52
CA LYS A 32 -16.52 -12.38 -2.80
C LYS A 32 -16.80 -10.89 -2.55
N GLN A 33 -17.54 -10.56 -1.50
CA GLN A 33 -17.89 -9.15 -1.31
C GLN A 33 -16.67 -8.33 -0.87
N VAL A 34 -15.69 -8.92 -0.18
CA VAL A 34 -14.46 -8.15 0.05
C VAL A 34 -13.78 -7.84 -1.29
N ARG A 35 -13.79 -8.80 -2.20
CA ARG A 35 -13.17 -8.55 -3.50
C ARG A 35 -13.95 -7.53 -4.32
N GLU A 36 -15.28 -7.58 -4.22
CA GLU A 36 -16.12 -6.62 -4.95
C GLU A 36 -15.83 -5.19 -4.51
N ALA A 37 -15.64 -4.97 -3.22
CA ALA A 37 -15.32 -3.63 -2.73
C ALA A 37 -13.94 -3.18 -3.20
N VAL A 38 -12.97 -4.10 -3.15
CA VAL A 38 -11.60 -3.77 -3.53
C VAL A 38 -11.54 -3.51 -5.03
N GLY A 39 -12.37 -4.20 -5.83
CA GLY A 39 -12.41 -3.96 -7.27
C GLY A 39 -13.35 -2.82 -7.68
N SER A 40 -13.72 -1.93 -6.76
CA SER A 40 -14.72 -0.92 -7.05
C SER A 40 -14.11 0.37 -7.63
N VAL A 41 -14.98 1.29 -8.06
CA VAL A 41 -14.54 2.58 -8.60
C VAL A 41 -14.00 3.52 -7.52
N LEU A 42 -14.00 3.10 -6.26
CA LEU A 42 -13.42 3.96 -5.23
C LEU A 42 -11.92 4.17 -5.44
N THR A 43 -11.27 3.32 -6.25
CA THR A 43 -9.85 3.56 -6.55
C THR A 43 -9.64 4.87 -7.34
N ASN A 44 -10.67 5.40 -7.99
CA ASN A 44 -10.54 6.63 -8.83
C ASN A 44 -10.44 7.90 -7.97
N LYS A 45 -10.69 7.82 -6.68
CA LYS A 45 -10.76 9.06 -5.87
C LYS A 45 -9.47 9.36 -5.09
N TYR A 46 -9.02 10.66 -5.32
CA TYR A 46 -7.92 11.10 -4.43
C TYR A 46 -8.61 11.67 -3.19
N ALA A 47 -8.09 11.22 -1.99
CA ALA A 47 -8.79 11.62 -0.76
C ALA A 47 -7.80 11.82 0.39
N GLU A 48 -6.72 12.54 0.14
CA GLU A 48 -5.75 12.83 1.20
C GLU A 48 -6.41 13.62 2.31
N GLY A 49 -5.95 13.38 3.52
CA GLY A 49 -6.55 13.97 4.71
C GLY A 49 -7.38 12.94 5.46
N TYR A 50 -8.34 13.43 6.23
CA TYR A 50 -9.21 12.60 7.05
C TYR A 50 -10.65 13.06 6.85
N PRO A 51 -11.63 12.26 7.26
CA PRO A 51 -13.03 12.60 6.97
C PRO A 51 -13.41 14.01 7.46
N GLY A 52 -13.99 14.80 6.58
CA GLY A 52 -14.36 16.16 6.90
C GLY A 52 -13.23 17.16 6.79
N ALA A 53 -12.01 16.73 6.48
CA ALA A 53 -10.82 17.58 6.40
C ALA A 53 -9.90 17.04 5.31
N ARG A 54 -10.38 17.03 4.08
CA ARG A 54 -9.68 16.50 2.92
C ARG A 54 -9.01 17.62 2.13
N TYR A 55 -8.04 17.24 1.31
CA TYR A 55 -7.36 18.20 0.44
C TYR A 55 -7.92 18.23 -0.99
N TYR A 56 -9.03 17.57 -1.25
CA TYR A 56 -9.65 17.53 -2.57
C TYR A 56 -11.15 17.68 -2.42
N GLY A 57 -11.78 18.27 -3.43
CA GLY A 57 -13.23 18.25 -3.53
C GLY A 57 -13.76 16.86 -3.84
N GLY A 58 -15.08 16.73 -3.72
CA GLY A 58 -15.76 15.50 -4.12
C GLY A 58 -15.68 14.31 -3.17
N CYS A 59 -15.26 14.50 -1.91
CA CYS A 59 -15.04 13.39 -0.99
C CYS A 59 -16.23 13.06 -0.09
N GLU A 60 -17.40 13.64 -0.34
CA GLU A 60 -18.57 13.47 0.56
C GLU A 60 -18.88 11.98 0.80
N VAL A 61 -18.89 11.20 -0.28
CA VAL A 61 -19.22 9.78 -0.10
C VAL A 61 -18.04 9.03 0.50
N ILE A 62 -16.83 9.30 0.03
CA ILE A 62 -15.62 8.63 0.56
C ILE A 62 -15.56 8.84 2.09
N ASP A 63 -15.97 10.04 2.52
CA ASP A 63 -15.91 10.29 3.97
C ASP A 63 -16.83 9.33 4.73
N ARG A 64 -17.99 9.01 4.15
CA ARG A 64 -18.89 8.09 4.83
C ARG A 64 -18.32 6.68 4.83
N VAL A 65 -17.63 6.30 3.74
CA VAL A 65 -16.97 4.99 3.69
C VAL A 65 -15.89 4.87 4.75
N GLU A 66 -14.96 5.84 4.79
CA GLU A 66 -13.85 5.75 5.72
C GLU A 66 -14.33 5.84 7.17
N SER A 67 -15.33 6.71 7.44
CA SER A 67 -15.90 6.79 8.79
C SER A 67 -16.57 5.49 9.21
N LEU A 68 -17.23 4.82 8.26
CA LEU A 68 -17.84 3.54 8.55
C LEU A 68 -16.76 2.51 8.93
N ALA A 69 -15.66 2.47 8.18
CA ALA A 69 -14.57 1.57 8.54
C ALA A 69 -14.01 1.87 9.93
N ILE A 70 -13.79 3.16 10.21
CA ILE A 70 -13.26 3.56 11.53
C ILE A 70 -14.19 3.12 12.65
N GLU A 71 -15.48 3.44 12.54
CA GLU A 71 -16.39 3.15 13.66
C GLU A 71 -16.56 1.65 13.86
N ARG A 72 -16.59 0.86 12.77
CA ARG A 72 -16.67 -0.59 12.91
C ARG A 72 -15.43 -1.18 13.55
N ALA A 73 -14.25 -0.66 13.20
CA ALA A 73 -13.02 -1.14 13.83
C ALA A 73 -13.05 -0.86 15.32
N LYS A 74 -13.53 0.33 15.71
CA LYS A 74 -13.58 0.65 17.14
C LYS A 74 -14.56 -0.24 17.88
N ALA A 75 -15.72 -0.52 17.27
CA ALA A 75 -16.70 -1.39 17.91
C ALA A 75 -16.23 -2.84 17.97
N LEU A 76 -15.54 -3.31 16.92
CA LEU A 76 -15.08 -4.70 16.89
C LEU A 76 -14.04 -4.97 17.97
N PHE A 77 -13.08 -4.06 18.13
CA PHE A 77 -11.95 -4.30 19.02
C PHE A 77 -12.05 -3.58 20.36
N GLY A 78 -13.06 -2.75 20.56
CA GLY A 78 -13.16 -1.99 21.80
C GLY A 78 -12.09 -0.92 21.89
N ALA A 79 -11.97 -0.07 20.86
CA ALA A 79 -10.94 0.96 20.82
C ALA A 79 -11.59 2.33 20.87
N ALA A 80 -10.84 3.35 21.26
CA ALA A 80 -11.33 4.77 21.27
C ALA A 80 -10.90 5.55 20.01
N TRP A 81 -9.95 5.04 19.27
CA TRP A 81 -9.45 5.69 18.04
C TRP A 81 -8.93 4.63 17.08
N ALA A 82 -9.06 4.90 15.80
CA ALA A 82 -8.49 3.99 14.80
C ALA A 82 -8.05 4.77 13.55
N ASN A 83 -7.05 4.22 12.89
CA ASN A 83 -6.63 4.73 11.59
C ASN A 83 -6.68 3.56 10.62
N VAL A 84 -7.48 3.69 9.56
CA VAL A 84 -7.68 2.60 8.59
C VAL A 84 -6.92 2.85 7.28
N GLN A 85 -6.14 3.91 7.24
CA GLN A 85 -5.38 4.28 6.00
C GLN A 85 -4.05 3.53 5.74
N PRO A 86 -3.35 2.86 6.70
CA PRO A 86 -2.04 2.28 6.34
C PRO A 86 -2.16 1.28 5.19
N HIS A 87 -1.26 1.41 4.21
CA HIS A 87 -1.26 0.54 3.04
C HIS A 87 -0.99 -0.93 3.38
N SER A 88 -0.31 -1.20 4.50
CA SER A 88 0.16 -2.55 4.82
C SER A 88 0.46 -2.59 6.31
N GLY A 89 0.75 -3.79 6.83
CA GLY A 89 1.22 -3.85 8.21
C GLY A 89 2.54 -3.11 8.40
N SER A 90 3.43 -3.19 7.40
N SER A 90 3.39 -3.14 7.38
CA SER A 90 4.69 -2.44 7.45
CA SER A 90 4.70 -2.45 7.44
C SER A 90 4.48 -0.95 7.60
C SER A 90 4.52 -0.93 7.57
N GLN A 91 3.56 -0.35 6.83
CA GLN A 91 3.35 1.09 6.97
C GLN A 91 2.71 1.44 8.31
N ALA A 92 1.83 0.57 8.83
CA ALA A 92 1.25 0.82 10.15
C ALA A 92 2.33 0.91 11.22
N ASN A 93 3.24 -0.08 11.24
CA ASN A 93 4.34 -0.10 12.20
C ASN A 93 5.28 1.08 12.01
N MET A 94 5.58 1.43 10.76
CA MET A 94 6.51 2.53 10.50
C MET A 94 5.95 3.84 11.04
N ALA A 95 4.65 4.11 10.84
CA ALA A 95 4.08 5.35 11.32
C ALA A 95 4.12 5.42 12.85
N VAL A 96 3.81 4.32 13.52
CA VAL A 96 3.87 4.29 14.98
C VAL A 96 5.29 4.53 15.47
N TYR A 97 6.28 3.90 14.86
CA TYR A 97 7.69 4.07 15.30
C TYR A 97 8.11 5.55 15.16
N MET A 98 7.77 6.14 14.03
CA MET A 98 8.20 7.54 13.75
C MET A 98 7.45 8.55 14.62
N ALA A 99 6.27 8.18 15.09
CA ALA A 99 5.48 9.07 15.97
C ALA A 99 6.01 9.03 17.40
N LEU A 100 6.55 7.89 17.81
CA LEU A 100 6.94 7.71 19.23
C LEU A 100 8.46 7.83 19.44
N MET A 101 9.22 7.71 18.37
CA MET A 101 10.69 7.70 18.49
C MET A 101 11.37 8.62 17.48
N GLU A 102 12.60 9.00 17.80
CA GLU A 102 13.45 9.78 16.89
C GLU A 102 14.55 8.83 16.42
N PRO A 103 15.15 9.05 15.24
CA PRO A 103 16.27 8.22 14.82
C PRO A 103 17.34 8.12 15.93
N GLY A 104 17.91 6.93 16.11
CA GLY A 104 18.92 6.69 17.15
C GLY A 104 18.36 6.12 18.43
N ASP A 105 17.05 6.24 18.62
CA ASP A 105 16.38 5.68 19.83
C ASP A 105 16.45 4.15 19.82
N THR A 106 16.18 3.53 20.97
CA THR A 106 16.26 2.10 21.10
C THR A 106 14.86 1.46 21.02
N LEU A 107 14.76 0.41 20.20
CA LEU A 107 13.56 -0.37 19.98
C LEU A 107 13.84 -1.79 20.46
N MET A 108 12.93 -2.36 21.24
CA MET A 108 13.04 -3.73 21.72
C MET A 108 11.92 -4.55 21.12
N GLY A 109 12.26 -5.72 20.55
CA GLY A 109 11.25 -6.52 19.90
C GLY A 109 11.67 -7.97 19.84
N MET A 110 10.74 -8.85 19.47
CA MET A 110 11.08 -10.26 19.45
C MET A 110 12.03 -10.61 18.31
N ASP A 111 13.10 -11.32 18.67
CA ASP A 111 14.15 -11.71 17.71
C ASP A 111 13.55 -12.49 16.55
N LEU A 112 14.02 -12.16 15.34
CA LEU A 112 13.59 -12.86 14.13
C LEU A 112 13.77 -14.37 14.25
N ALA A 113 14.86 -14.81 14.89
CA ALA A 113 15.13 -16.25 15.00
C ALA A 113 14.07 -16.96 15.84
N ALA A 114 13.51 -16.27 16.83
CA ALA A 114 12.56 -16.93 17.76
C ALA A 114 11.11 -16.70 17.33
N GLY A 115 10.88 -15.93 16.27
CA GLY A 115 9.51 -15.75 15.75
C GLY A 115 9.12 -14.31 15.48
N GLY A 116 10.03 -13.36 15.68
CA GLY A 116 9.69 -11.93 15.52
C GLY A 116 9.44 -11.54 14.08
N HIS A 117 8.85 -10.39 13.84
CA HIS A 117 8.65 -9.90 12.49
C HIS A 117 9.84 -9.07 12.00
N LEU A 118 9.99 -8.95 10.68
CA LEU A 118 11.06 -8.11 10.12
C LEU A 118 10.93 -6.72 10.69
N THR A 119 9.71 -6.23 10.80
CA THR A 119 9.44 -4.88 11.32
C THR A 119 9.71 -4.71 12.82
N HIS A 120 10.05 -5.79 13.52
CA HIS A 120 10.30 -5.73 14.96
C HIS A 120 11.79 -5.55 15.25
N GLY A 121 12.53 -5.15 14.22
CA GLY A 121 13.94 -4.88 14.39
C GLY A 121 14.99 -5.46 13.45
N SER A 122 14.59 -5.94 12.29
CA SER A 122 15.59 -6.55 11.42
C SER A 122 16.59 -5.54 10.91
N ARG A 123 17.84 -5.98 10.81
CA ARG A 123 18.85 -5.00 10.40
C ARG A 123 18.81 -4.72 8.91
N VAL A 124 18.23 -5.60 8.14
CA VAL A 124 17.92 -5.29 6.75
C VAL A 124 16.65 -4.46 6.58
N ASN A 125 15.89 -4.29 7.61
CA ASN A 125 14.61 -3.57 7.61
C ASN A 125 14.81 -2.14 8.09
N PHE A 126 13.86 -1.26 7.77
CA PHE A 126 13.97 0.13 8.21
C PHE A 126 14.10 0.23 9.73
N SER A 127 13.46 -0.68 10.47
CA SER A 127 13.50 -0.60 11.93
C SER A 127 14.93 -0.72 12.44
N GLY A 128 15.74 -1.58 11.81
CA GLY A 128 17.14 -1.77 12.17
C GLY A 128 18.08 -0.74 11.61
N LYS A 129 17.63 0.02 10.62
CA LYS A 129 18.45 1.04 10.00
C LYS A 129 18.32 2.38 10.72
N LEU A 130 17.10 2.74 11.15
CA LEU A 130 16.87 4.01 11.82
C LEU A 130 17.05 3.95 13.34
N TYR A 131 16.82 2.79 13.94
CA TYR A 131 16.87 2.71 15.42
C TYR A 131 17.89 1.67 15.90
N LYS A 132 18.24 1.76 17.17
CA LYS A 132 19.11 0.74 17.80
C LYS A 132 18.19 -0.39 18.28
N VAL A 133 18.42 -1.59 17.81
CA VAL A 133 17.50 -2.71 18.10
C VAL A 133 18.03 -3.68 19.16
N VAL A 134 17.20 -3.98 20.13
CA VAL A 134 17.50 -5.01 21.14
C VAL A 134 16.44 -6.07 20.99
N SER A 135 16.83 -7.33 20.98
CA SER A 135 15.89 -8.41 20.71
C SER A 135 15.74 -9.34 21.91
N TYR A 136 14.54 -9.85 22.10
CA TYR A 136 14.33 -10.94 23.05
C TYR A 136 13.87 -12.15 22.28
N GLY A 137 13.98 -13.32 22.93
CA GLY A 137 13.60 -14.56 22.28
C GLY A 137 12.88 -15.51 23.21
N VAL A 138 12.98 -16.82 22.95
CA VAL A 138 12.40 -17.84 23.82
C VAL A 138 13.52 -18.61 24.52
N ARG A 139 13.17 -19.16 25.67
CA ARG A 139 14.10 -19.97 26.44
C ARG A 139 14.28 -21.34 25.78
N PRO A 140 15.50 -21.93 25.70
CA PRO A 140 15.65 -23.29 25.14
C PRO A 140 14.90 -24.37 25.93
N ASP A 141 14.76 -24.20 27.24
CA ASP A 141 14.14 -25.25 28.09
C ASP A 141 12.61 -25.17 28.09
N THR A 142 12.06 -23.96 28.10
CA THR A 142 10.60 -23.78 28.16
C THR A 142 10.03 -23.65 26.75
N GLU A 143 10.86 -23.29 25.78
CA GLU A 143 10.37 -22.91 24.46
C GLU A 143 9.37 -21.74 24.52
N LEU A 144 9.34 -21.00 25.61
CA LEU A 144 8.43 -19.89 25.80
C LEU A 144 9.22 -18.61 26.10
N ILE A 145 8.54 -17.46 25.98
CA ILE A 145 9.16 -16.20 26.35
C ILE A 145 9.43 -16.21 27.85
N ASP A 146 10.55 -15.61 28.26
CA ASP A 146 10.91 -15.48 29.67
C ASP A 146 10.73 -14.02 30.06
N LEU A 147 9.64 -13.72 30.77
CA LEU A 147 9.34 -12.34 31.14
C LEU A 147 10.43 -11.73 32.02
N GLU A 148 11.14 -12.56 32.80
CA GLU A 148 12.24 -12.04 33.59
C GLU A 148 13.43 -11.63 32.73
N GLU A 149 13.70 -12.40 31.65
CA GLU A 149 14.72 -11.96 30.69
C GLU A 149 14.29 -10.69 29.95
N VAL A 150 13.00 -10.59 29.59
CA VAL A 150 12.52 -9.37 28.95
C VAL A 150 12.75 -8.17 29.86
N ARG A 151 12.37 -8.31 31.14
CA ARG A 151 12.54 -7.19 32.08
C ARG A 151 14.01 -6.85 32.25
N ARG A 152 14.88 -7.86 32.33
CA ARG A 152 16.30 -7.59 32.51
C ARG A 152 16.86 -6.82 31.31
N LEU A 153 16.50 -7.22 30.10
CA LEU A 153 16.94 -6.48 28.93
C LEU A 153 16.39 -5.06 28.94
N ALA A 154 15.14 -4.88 29.38
CA ALA A 154 14.53 -3.54 29.36
C ALA A 154 15.26 -2.61 30.33
N LEU A 155 15.52 -3.09 31.56
CA LEU A 155 16.23 -2.28 32.54
C LEU A 155 17.65 -1.94 32.09
N GLU A 156 18.33 -2.87 31.42
CA GLU A 156 19.69 -2.66 30.96
C GLU A 156 19.78 -1.72 29.76
N HIS A 157 18.86 -1.84 28.78
CA HIS A 157 18.95 -1.06 27.56
C HIS A 157 18.00 0.13 27.48
N ARG A 158 17.04 0.25 28.37
CA ARG A 158 16.11 1.37 28.40
C ARG A 158 15.52 1.70 27.02
N PRO A 159 14.81 0.75 26.40
CA PRO A 159 14.19 1.06 25.12
C PRO A 159 13.14 2.16 25.26
N LYS A 160 12.95 2.92 24.19
CA LYS A 160 11.85 3.91 24.14
C LYS A 160 10.55 3.19 23.81
N VAL A 161 10.64 2.12 23.01
CA VAL A 161 9.48 1.34 22.57
C VAL A 161 9.79 -0.14 22.79
N ILE A 162 8.84 -0.88 23.37
CA ILE A 162 8.90 -2.32 23.45
C ILE A 162 7.76 -2.88 22.60
N VAL A 163 8.05 -3.81 21.70
CA VAL A 163 7.04 -4.41 20.84
C VAL A 163 6.73 -5.83 21.34
N ALA A 164 5.45 -6.11 21.53
CA ALA A 164 4.96 -7.47 21.77
C ALA A 164 4.11 -7.94 20.58
N GLY A 165 4.09 -9.24 20.37
CA GLY A 165 3.46 -9.79 19.17
C GLY A 165 4.55 -10.31 18.25
N ALA A 166 4.30 -11.42 17.55
CA ALA A 166 5.30 -12.08 16.68
C ALA A 166 4.61 -12.87 15.56
N SER A 167 5.39 -13.54 14.74
CA SER A 167 4.85 -14.21 13.54
C SER A 167 4.73 -15.71 13.78
N ALA A 168 5.52 -16.21 14.70
CA ALA A 168 5.55 -17.67 14.86
C ALA A 168 5.57 -17.98 16.34
N TYR A 169 4.68 -17.37 17.11
CA TYR A 169 4.62 -17.72 18.52
C TYR A 169 3.28 -18.40 18.80
N PRO A 170 3.28 -19.67 19.20
CA PRO A 170 2.01 -20.42 19.31
C PRO A 170 1.28 -20.29 20.63
N ARG A 171 1.70 -19.41 21.54
CA ARG A 171 1.02 -19.32 22.83
C ARG A 171 0.53 -17.89 23.08
N PHE A 172 -0.35 -17.77 24.07
CA PHE A 172 -0.87 -16.47 24.47
C PHE A 172 0.24 -15.54 24.95
N TRP A 173 0.05 -14.25 24.73
CA TRP A 173 0.90 -13.21 25.28
C TRP A 173 0.30 -12.70 26.58
N ASP A 174 1.17 -12.34 27.52
CA ASP A 174 0.76 -11.69 28.77
C ASP A 174 0.96 -10.17 28.59
N PHE A 175 -0.05 -9.49 28.07
CA PHE A 175 0.08 -8.07 27.79
C PHE A 175 0.18 -7.24 29.07
N LYS A 176 -0.47 -7.69 30.14
CA LYS A 176 -0.38 -6.97 31.41
C LYS A 176 1.06 -6.94 31.93
N ALA A 177 1.76 -8.08 31.88
CA ALA A 177 3.14 -8.10 32.33
C ALA A 177 4.03 -7.27 31.43
N PHE A 178 3.78 -7.29 30.11
CA PHE A 178 4.55 -6.44 29.22
C PHE A 178 4.36 -4.96 29.55
N ARG A 179 3.13 -4.55 29.84
CA ARG A 179 2.88 -3.15 30.18
C ARG A 179 3.56 -2.78 31.51
N GLU A 180 3.59 -3.69 32.49
CA GLU A 180 4.30 -3.41 33.73
C GLU A 180 5.79 -3.19 33.47
N ILE A 181 6.40 -4.03 32.63
CA ILE A 181 7.80 -3.82 32.29
C ILE A 181 7.99 -2.48 31.58
N ALA A 182 7.14 -2.17 30.60
CA ALA A 182 7.26 -0.89 29.90
C ALA A 182 7.18 0.29 30.86
N ASP A 183 6.23 0.24 31.79
CA ASP A 183 6.05 1.32 32.77
C ASP A 183 7.25 1.47 33.67
N GLU A 184 7.87 0.36 34.06
CA GLU A 184 9.04 0.42 34.91
C GLU A 184 10.19 1.18 34.26
N VAL A 185 10.34 1.11 32.93
CA VAL A 185 11.43 1.81 32.25
C VAL A 185 10.97 3.05 31.51
N GLY A 186 9.68 3.41 31.62
CA GLY A 186 9.20 4.56 30.89
C GLY A 186 9.12 4.36 29.39
N ALA A 187 8.94 3.13 28.92
CA ALA A 187 8.79 2.85 27.49
C ALA A 187 7.31 2.84 27.09
N TYR A 188 7.06 3.05 25.80
CA TYR A 188 5.76 2.75 25.20
C TYR A 188 5.68 1.26 24.87
N LEU A 189 4.52 0.67 25.12
CA LEU A 189 4.26 -0.69 24.69
C LEU A 189 3.44 -0.64 23.39
N VAL A 190 3.98 -1.21 22.33
CA VAL A 190 3.27 -1.38 21.08
C VAL A 190 3.00 -2.87 20.92
N VAL A 191 1.76 -3.23 20.62
CA VAL A 191 1.45 -4.63 20.33
C VAL A 191 1.14 -4.72 18.84
N ASP A 192 1.85 -5.60 18.15
CA ASP A 192 1.57 -5.92 16.75
C ASP A 192 0.73 -7.19 16.78
N MET A 193 -0.58 -7.06 16.57
CA MET A 193 -1.49 -8.25 16.64
C MET A 193 -1.82 -8.82 15.25
N ALA A 194 -1.04 -8.46 14.25
CA ALA A 194 -1.39 -8.87 12.86
C ALA A 194 -1.77 -10.36 12.78
N HIS A 195 -0.96 -11.22 13.37
CA HIS A 195 -1.20 -12.68 13.25
C HIS A 195 -2.50 -13.12 13.93
N PHE A 196 -2.78 -12.57 15.11
CA PHE A 196 -3.92 -13.07 15.91
C PHE A 196 -5.09 -12.09 16.03
N ALA A 197 -5.14 -11.10 15.14
CA ALA A 197 -6.19 -10.09 15.26
C ALA A 197 -7.58 -10.72 15.15
N GLY A 198 -7.75 -11.69 14.26
CA GLY A 198 -9.07 -12.32 14.11
C GLY A 198 -9.49 -13.02 15.39
N LEU A 199 -8.53 -13.64 16.08
CA LEU A 199 -8.87 -14.32 17.34
C LEU A 199 -9.23 -13.34 18.45
N VAL A 200 -8.54 -12.20 18.49
CA VAL A 200 -8.93 -11.11 19.40
C VAL A 200 -10.35 -10.67 19.13
N ALA A 201 -10.68 -10.40 17.84
CA ALA A 201 -12.01 -9.93 17.49
C ALA A 201 -13.08 -10.94 17.91
N ALA A 202 -12.76 -12.23 17.86
CA ALA A 202 -13.72 -13.25 18.22
C ALA A 202 -13.72 -13.56 19.71
N GLY A 203 -12.84 -12.93 20.50
CA GLY A 203 -12.80 -13.17 21.92
C GLY A 203 -12.06 -14.42 22.33
N LEU A 204 -11.23 -14.98 21.46
CA LEU A 204 -10.50 -16.22 21.73
C LEU A 204 -9.03 -15.98 22.06
N HIS A 205 -8.61 -14.72 22.16
CA HIS A 205 -7.24 -14.37 22.47
C HIS A 205 -7.33 -13.14 23.35
N PRO A 206 -6.50 -13.02 24.39
CA PRO A 206 -6.51 -11.80 25.22
C PRO A 206 -6.39 -10.56 24.35
N ASN A 207 -7.17 -9.53 24.69
CA ASN A 207 -7.18 -8.26 23.94
C ASN A 207 -6.07 -7.33 24.46
N PRO A 208 -5.15 -6.87 23.58
CA PRO A 208 -4.09 -5.93 23.98
C PRO A 208 -4.51 -4.46 24.16
N LEU A 209 -5.65 -4.06 23.69
CA LEU A 209 -6.04 -2.62 23.66
C LEU A 209 -5.80 -1.91 25.01
N PRO A 210 -6.36 -2.56 26.13
CA PRO A 210 -6.27 -1.89 27.43
C PRO A 210 -4.84 -1.75 27.99
N TYR A 211 -3.90 -2.57 27.52
CA TYR A 211 -2.53 -2.58 28.07
C TYR A 211 -1.51 -1.92 27.17
N ALA A 212 -1.67 -2.00 25.86
CA ALA A 212 -0.75 -1.32 24.95
C ALA A 212 -1.05 0.17 24.89
N HIS A 213 -0.01 0.98 24.64
CA HIS A 213 -0.28 2.36 24.23
C HIS A 213 -0.89 2.43 22.83
N VAL A 214 -0.36 1.58 21.95
CA VAL A 214 -0.80 1.56 20.53
C VAL A 214 -0.83 0.12 20.04
N VAL A 215 -1.79 -0.19 19.19
CA VAL A 215 -1.90 -1.56 18.62
C VAL A 215 -1.87 -1.45 17.09
N THR A 216 -1.01 -2.22 16.47
CA THR A 216 -0.93 -2.26 15.00
C THR A 216 -1.48 -3.60 14.53
N SER A 217 -1.87 -3.66 13.27
CA SER A 217 -2.34 -4.92 12.69
C SER A 217 -2.47 -4.88 11.19
N THR A 218 -2.44 -6.04 10.59
CA THR A 218 -2.91 -6.15 9.22
C THR A 218 -4.40 -6.45 9.25
N THR A 219 -5.09 -6.22 8.11
CA THR A 219 -6.47 -6.62 7.99
C THR A 219 -6.62 -7.96 7.28
N HIS A 220 -5.54 -8.50 6.72
CA HIS A 220 -5.59 -9.85 6.21
C HIS A 220 -5.11 -10.78 7.35
N LYS A 221 -4.79 -12.03 7.02
CA LYS A 221 -4.40 -13.05 8.04
C LYS A 221 -5.67 -13.55 8.78
N THR A 222 -5.60 -13.68 10.12
CA THR A 222 -6.76 -14.30 10.75
C THR A 222 -8.01 -13.42 10.68
N LEU A 223 -7.87 -12.11 10.46
CA LEU A 223 -9.05 -11.26 10.33
C LEU A 223 -9.75 -11.45 8.98
N ARG A 224 -9.07 -12.09 8.01
CA ARG A 224 -9.71 -12.54 6.77
C ARG A 224 -10.19 -11.38 5.91
N GLY A 225 -9.49 -10.25 5.95
CA GLY A 225 -9.89 -9.09 5.16
C GLY A 225 -8.92 -8.84 4.02
N PRO A 226 -9.08 -7.65 3.37
CA PRO A 226 -8.08 -7.36 2.33
C PRO A 226 -6.67 -7.05 2.84
N ARG A 227 -5.70 -7.10 1.95
CA ARG A 227 -4.32 -6.75 2.31
C ARG A 227 -4.20 -5.29 2.62
N GLY A 228 -3.83 -5.00 3.86
CA GLY A 228 -3.71 -3.66 4.32
C GLY A 228 -3.38 -3.58 5.79
N GLY A 229 -3.19 -2.37 6.28
CA GLY A 229 -2.85 -2.17 7.67
C GLY A 229 -3.93 -1.44 8.47
N LEU A 230 -3.69 -1.37 9.79
CA LEU A 230 -4.68 -0.85 10.74
C LEU A 230 -3.93 -0.41 12.00
N ILE A 231 -4.37 0.70 12.60
CA ILE A 231 -3.82 1.13 13.89
C ILE A 231 -4.97 1.43 14.83
N LEU A 232 -4.82 1.05 16.11
CA LEU A 232 -5.86 1.26 17.12
C LEU A 232 -5.22 1.75 18.42
N SER A 233 -6.01 2.37 19.28
CA SER A 233 -5.50 2.82 20.57
C SER A 233 -6.69 3.13 21.48
N ASN A 234 -6.45 3.10 22.79
CA ASN A 234 -7.42 3.65 23.73
C ASN A 234 -7.15 5.11 24.05
N ASP A 235 -6.18 5.72 23.39
CA ASP A 235 -5.80 7.10 23.66
C ASP A 235 -5.98 7.97 22.42
N PRO A 236 -7.05 8.76 22.33
CA PRO A 236 -7.26 9.61 21.14
C PRO A 236 -6.20 10.69 20.95
N GLU A 237 -5.56 11.16 22.02
CA GLU A 237 -4.51 12.16 21.88
C GLU A 237 -3.29 11.58 21.18
N LEU A 238 -2.85 10.39 21.59
CA LEU A 238 -1.79 9.70 20.86
C LEU A 238 -2.24 9.39 19.43
N GLY A 239 -3.50 9.00 19.25
CA GLY A 239 -4.01 8.74 17.92
C GLY A 239 -3.85 9.94 16.98
N LYS A 240 -4.10 11.15 17.46
CA LYS A 240 -3.94 12.35 16.66
C LYS A 240 -2.51 12.52 16.16
N ARG A 241 -1.56 12.25 17.03
CA ARG A 241 -0.19 12.28 16.62
C ARG A 241 0.09 11.25 15.48
N ILE A 242 -0.40 10.04 15.65
CA ILE A 242 -0.17 8.99 14.68
C ILE A 242 -0.89 9.31 13.37
N ASP A 243 -2.07 9.92 13.46
CA ASP A 243 -2.76 10.33 12.23
C ASP A 243 -1.87 11.22 11.37
N LYS A 244 -1.11 12.11 12.01
CA LYS A 244 -0.25 13.02 11.26
C LYS A 244 0.95 12.30 10.66
N LEU A 245 1.43 11.21 11.29
CA LEU A 245 2.56 10.49 10.69
C LEU A 245 2.11 9.66 9.49
N ILE A 246 0.86 9.18 9.51
CA ILE A 246 0.35 8.46 8.36
C ILE A 246 0.20 9.42 7.18
N PHE A 247 -0.39 10.59 7.45
CA PHE A 247 -0.50 11.64 6.44
C PHE A 247 -0.50 13.01 7.15
N PRO A 248 0.39 13.94 6.77
CA PRO A 248 1.25 13.83 5.58
C PRO A 248 2.66 13.22 5.79
N GLY A 249 2.87 12.50 6.88
CA GLY A 249 4.21 11.96 7.23
C GLY A 249 4.76 10.92 6.27
N ILE A 250 4.05 9.81 6.07
CA ILE A 250 4.66 8.70 5.28
C ILE A 250 3.79 8.25 4.08
N GLN A 251 2.53 8.63 4.00
CA GLN A 251 1.75 8.19 2.86
C GLN A 251 1.23 9.41 2.11
N GLY A 252 0.64 9.16 0.94
CA GLY A 252 -0.05 10.17 0.17
C GLY A 252 -1.54 9.83 0.12
N GLY A 253 -2.07 9.54 -1.06
CA GLY A 253 -3.48 9.20 -1.16
C GLY A 253 -3.74 7.82 -0.56
N PRO A 254 -4.77 7.70 0.27
CA PRO A 254 -5.14 6.37 0.79
C PRO A 254 -5.79 5.52 -0.30
N LEU A 255 -5.79 4.21 -0.09
CA LEU A 255 -6.45 3.30 -1.05
C LEU A 255 -7.92 3.14 -0.60
N GLU A 256 -8.82 4.03 -1.06
CA GLU A 256 -10.16 4.01 -0.46
C GLU A 256 -10.97 2.79 -0.91
N HIS A 257 -10.61 2.18 -2.03
CA HIS A 257 -11.24 0.90 -2.40
C HIS A 257 -10.85 -0.20 -1.42
N VAL A 258 -9.59 -0.20 -0.95
CA VAL A 258 -9.18 -1.19 0.04
C VAL A 258 -9.81 -0.87 1.40
N ILE A 259 -9.94 0.42 1.72
CA ILE A 259 -10.63 0.80 2.95
C ILE A 259 -12.08 0.35 2.92
N ALA A 260 -12.74 0.45 1.77
CA ALA A 260 -14.11 -0.09 1.69
C ALA A 260 -14.09 -1.60 1.96
N GLY A 261 -13.06 -2.30 1.44
CA GLY A 261 -12.88 -3.71 1.74
C GLY A 261 -12.62 -3.99 3.22
N LYS A 262 -11.89 -3.10 3.90
CA LYS A 262 -11.72 -3.26 5.34
C LYS A 262 -13.05 -3.12 6.07
N ALA A 263 -13.86 -2.14 5.65
CA ALA A 263 -15.18 -2.00 6.24
C ALA A 263 -15.99 -3.29 6.10
N VAL A 264 -15.94 -3.92 4.91
CA VAL A 264 -16.65 -5.18 4.69
C VAL A 264 -16.11 -6.27 5.62
N ALA A 265 -14.79 -6.38 5.75
CA ALA A 265 -14.22 -7.42 6.62
C ALA A 265 -14.62 -7.21 8.07
N PHE A 266 -14.69 -5.94 8.52
CA PHE A 266 -15.08 -5.69 9.90
C PHE A 266 -16.55 -6.03 10.11
N PHE A 267 -17.38 -5.76 9.11
CA PHE A 267 -18.79 -6.20 9.17
C PHE A 267 -18.89 -7.71 9.29
N GLU A 268 -18.10 -8.44 8.50
CA GLU A 268 -18.13 -9.89 8.57
C GLU A 268 -17.68 -10.37 9.95
N ALA A 269 -16.64 -9.73 10.50
CA ALA A 269 -16.11 -10.17 11.79
C ALA A 269 -17.04 -9.82 12.94
N LEU A 270 -17.97 -8.88 12.74
CA LEU A 270 -18.95 -8.54 13.77
C LEU A 270 -20.14 -9.50 13.80
N GLN A 271 -20.27 -10.39 12.79
CA GLN A 271 -21.35 -11.38 12.75
C GLN A 271 -21.04 -12.57 13.66
N PRO A 272 -22.07 -13.21 14.23
CA PRO A 272 -21.81 -14.38 15.08
C PRO A 272 -21.14 -15.52 14.34
N GLU A 273 -21.37 -15.65 13.04
CA GLU A 273 -20.70 -16.69 12.28
C GLU A 273 -19.19 -16.56 12.33
N PHE A 274 -18.64 -15.37 12.56
CA PHE A 274 -17.18 -15.19 12.68
C PHE A 274 -16.57 -15.87 13.92
N LYS A 275 -17.27 -15.79 15.03
CA LYS A 275 -16.83 -16.47 16.25
C LYS A 275 -16.75 -17.98 16.05
N GLU A 276 -17.75 -18.53 15.39
CA GLU A 276 -17.77 -19.96 15.10
C GLU A 276 -16.58 -20.34 14.21
N TYR A 277 -16.41 -19.62 13.13
CA TYR A 277 -15.22 -19.80 12.26
C TYR A 277 -13.96 -19.79 13.12
N SER A 278 -13.77 -18.77 13.94
CA SER A 278 -12.55 -18.63 14.73
C SER A 278 -12.34 -19.77 15.74
N ARG A 279 -13.41 -20.25 16.34
CA ARG A 279 -13.35 -21.39 17.24
C ARG A 279 -12.83 -22.62 16.48
N LEU A 280 -13.36 -22.82 15.29
CA LEU A 280 -12.94 -23.93 14.46
C LEU A 280 -11.47 -23.79 14.05
N VAL A 281 -11.05 -22.57 13.76
CA VAL A 281 -9.64 -22.35 13.43
C VAL A 281 -8.75 -22.91 14.55
N VAL A 282 -9.05 -22.53 15.79
CA VAL A 282 -8.23 -22.96 16.92
C VAL A 282 -8.40 -24.46 17.16
N GLU A 283 -9.61 -24.99 17.04
CA GLU A 283 -9.85 -26.45 17.23
C GLU A 283 -9.10 -27.26 16.16
N ASN A 284 -9.18 -26.81 14.91
CA ASN A 284 -8.41 -27.48 13.85
C ASN A 284 -6.92 -27.49 14.17
N ALA A 285 -6.38 -26.36 14.63
CA ALA A 285 -4.93 -26.28 14.83
C ALA A 285 -4.50 -27.21 15.97
N LYS A 286 -5.26 -27.20 17.08
CA LYS A 286 -4.99 -28.12 18.19
C LYS A 286 -5.11 -29.57 17.77
N ARG A 287 -6.17 -29.89 16.99
CA ARG A 287 -6.36 -31.28 16.57
C ARG A 287 -5.28 -31.71 15.56
N LEU A 288 -4.95 -30.85 14.61
CA LEU A 288 -3.91 -31.21 13.65
C LEU A 288 -2.57 -31.41 14.34
N ALA A 289 -2.24 -30.55 15.32
CA ALA A 289 -0.98 -30.73 16.04
C ALA A 289 -0.99 -32.07 16.79
N GLU A 290 -2.11 -32.41 17.45
CA GLU A 290 -2.17 -33.69 18.16
C GLU A 290 -1.98 -34.86 17.20
N GLU A 291 -2.62 -34.80 16.02
CA GLU A 291 -2.52 -35.89 15.07
C GLU A 291 -1.10 -36.06 14.53
N LEU A 292 -0.35 -34.96 14.39
CA LEU A 292 1.03 -35.10 13.93
C LEU A 292 1.91 -35.60 15.07
N ALA A 293 1.61 -35.24 16.29
CA ALA A 293 2.36 -35.77 17.45
C ALA A 293 2.22 -37.30 17.53
N ARG A 294 1.02 -37.79 17.32
CA ARG A 294 0.75 -39.23 17.32
C ARG A 294 1.52 -39.95 16.23
N ARG A 295 1.80 -39.26 15.14
N ARG A 295 1.81 -39.26 15.14
CA ARG A 295 2.54 -39.86 14.04
CA ARG A 295 2.54 -39.86 14.04
C ARG A 295 4.04 -39.71 14.15
C ARG A 295 4.04 -39.71 14.15
N GLY A 296 4.52 -39.22 15.28
CA GLY A 296 5.95 -39.12 15.50
C GLY A 296 6.70 -37.80 15.39
N TYR A 297 5.98 -36.71 15.25
CA TYR A 297 6.61 -35.39 15.23
C TYR A 297 6.51 -34.79 16.62
N ARG A 298 7.39 -33.86 16.94
CA ARG A 298 7.29 -33.18 18.23
C ARG A 298 6.72 -31.79 17.99
N ILE A 299 5.76 -31.37 18.81
CA ILE A 299 5.18 -30.03 18.67
C ILE A 299 5.88 -29.10 19.65
N VAL A 300 6.42 -27.98 19.15
CA VAL A 300 7.10 -27.01 20.01
C VAL A 300 6.11 -26.41 21.00
N THR A 301 6.55 -26.30 22.27
CA THR A 301 5.75 -25.96 23.46
C THR A 301 4.73 -27.05 23.75
N GLY A 302 4.71 -28.12 22.95
CA GLY A 302 3.78 -29.21 23.16
C GLY A 302 2.37 -28.98 22.67
N GLY A 303 2.12 -27.89 21.95
CA GLY A 303 0.75 -27.60 21.52
C GLY A 303 0.65 -26.16 21.05
N THR A 304 -0.57 -25.64 21.09
CA THR A 304 -0.80 -24.27 20.65
C THR A 304 -2.04 -23.74 21.35
N ASP A 305 -2.02 -22.44 21.62
CA ASP A 305 -3.20 -21.71 22.07
C ASP A 305 -3.93 -21.02 20.93
N ASN A 306 -3.37 -21.03 19.72
CA ASN A 306 -3.98 -20.19 18.69
C ASN A 306 -4.10 -20.92 17.35
N HIS A 307 -3.89 -20.21 16.24
CA HIS A 307 -4.17 -20.72 14.89
C HIS A 307 -2.97 -21.41 14.25
N LEU A 308 -1.80 -21.36 14.88
CA LEU A 308 -0.60 -21.92 14.27
C LEU A 308 0.14 -22.80 15.26
N PHE A 309 1.01 -23.66 14.72
CA PHE A 309 1.93 -24.39 15.59
C PHE A 309 3.21 -24.66 14.81
N LEU A 310 4.24 -25.04 15.56
CA LEU A 310 5.57 -25.30 15.03
C LEU A 310 5.89 -26.76 15.22
N VAL A 311 6.32 -27.42 14.16
CA VAL A 311 6.64 -28.84 14.15
C VAL A 311 8.16 -28.97 14.19
N ASP A 312 8.66 -29.69 15.19
CA ASP A 312 10.05 -30.12 15.30
C ASP A 312 10.19 -31.39 14.47
N LEU A 313 11.00 -31.33 13.41
CA LEU A 313 11.18 -32.44 12.46
C LEU A 313 12.33 -33.37 12.83
N ARG A 314 13.09 -33.05 13.88
CA ARG A 314 14.25 -33.88 14.23
C ARG A 314 13.91 -35.34 14.47
N PRO A 315 12.76 -35.73 15.04
CA PRO A 315 12.48 -37.17 15.24
C PRO A 315 12.51 -37.95 13.94
N LYS A 316 12.26 -37.30 12.81
CA LYS A 316 12.30 -38.00 11.53
C LYS A 316 13.52 -37.64 10.70
N GLY A 317 14.44 -36.89 11.26
CA GLY A 317 15.68 -36.61 10.55
C GLY A 317 15.55 -35.72 9.33
N LEU A 318 14.52 -34.86 9.27
CA LEU A 318 14.34 -33.94 8.16
C LEU A 318 14.70 -32.52 8.57
N THR A 319 15.13 -31.72 7.59
CA THR A 319 15.25 -30.29 7.80
C THR A 319 13.98 -29.60 7.33
N GLY A 320 13.79 -28.36 7.81
CA GLY A 320 12.63 -27.61 7.37
C GLY A 320 12.62 -27.34 5.87
N LYS A 321 13.81 -27.09 5.29
CA LYS A 321 13.94 -26.88 3.86
C LYS A 321 13.47 -28.09 3.05
N GLU A 322 13.89 -29.31 3.44
CA GLU A 322 13.48 -30.50 2.71
C GLU A 322 11.98 -30.75 2.88
N ALA A 323 11.43 -30.54 4.09
CA ALA A 323 10.01 -30.76 4.28
C ALA A 323 9.20 -29.78 3.43
N GLU A 324 9.63 -28.52 3.39
CA GLU A 324 8.99 -27.52 2.53
C GLU A 324 8.88 -28.00 1.09
N GLU A 325 10.01 -28.48 0.53
CA GLU A 325 10.04 -28.88 -0.88
C GLU A 325 9.20 -30.12 -1.12
N ARG A 326 9.30 -31.12 -0.24
CA ARG A 326 8.51 -32.33 -0.40
C ARG A 326 7.02 -32.00 -0.33
N LEU A 327 6.64 -31.09 0.56
CA LEU A 327 5.23 -30.77 0.69
C LEU A 327 4.75 -29.93 -0.49
N ASP A 328 5.54 -28.96 -0.92
CA ASP A 328 5.19 -28.12 -2.09
C ASP A 328 4.94 -28.98 -3.34
N ALA A 329 5.69 -30.06 -3.48
CA ALA A 329 5.58 -30.93 -4.67
C ALA A 329 4.25 -31.70 -4.73
N VAL A 330 3.52 -31.77 -3.62
CA VAL A 330 2.18 -32.44 -3.66
C VAL A 330 1.04 -31.42 -3.45
N GLY A 331 1.36 -30.15 -3.52
CA GLY A 331 0.33 -29.10 -3.39
C GLY A 331 0.02 -28.74 -1.95
N ILE A 332 0.96 -28.99 -1.03
CA ILE A 332 0.75 -28.57 0.35
C ILE A 332 1.80 -27.51 0.65
N THR A 333 1.36 -26.29 0.98
CA THR A 333 2.29 -25.19 1.20
C THR A 333 2.39 -24.91 2.69
N VAL A 334 3.62 -25.00 3.21
CA VAL A 334 3.98 -24.65 4.59
C VAL A 334 5.20 -23.75 4.50
N ASN A 335 5.72 -23.30 5.63
CA ASN A 335 7.05 -22.71 5.53
C ASN A 335 7.94 -23.21 6.67
N LYS A 336 9.24 -23.30 6.34
CA LYS A 336 10.27 -23.70 7.30
C LYS A 336 10.36 -22.65 8.41
N ASN A 337 10.83 -23.09 9.55
CA ASN A 337 10.86 -22.18 10.69
C ASN A 337 11.85 -22.75 11.70
N ALA A 338 12.70 -21.90 12.27
CA ALA A 338 13.62 -22.39 13.28
C ALA A 338 12.85 -22.85 14.52
N ILE A 339 13.35 -23.91 15.15
CA ILE A 339 12.81 -24.29 16.46
C ILE A 339 13.70 -23.67 17.53
N PRO A 340 13.27 -23.59 18.80
CA PRO A 340 14.10 -22.91 19.81
C PRO A 340 15.45 -23.56 20.01
N PHE A 341 15.47 -24.89 20.21
CA PHE A 341 16.72 -25.66 20.41
C PHE A 341 17.06 -26.25 19.04
N ASP A 342 17.64 -25.45 18.14
CA ASP A 342 17.81 -25.85 16.72
C ASP A 342 19.28 -26.06 16.35
N PRO A 343 19.64 -27.30 16.01
CA PRO A 343 21.03 -27.60 15.68
C PRO A 343 21.39 -27.10 14.27
N LYS A 344 20.38 -26.80 13.45
CA LYS A 344 20.64 -26.45 12.04
C LYS A 344 20.66 -24.93 11.84
N PRO A 345 21.32 -24.45 10.73
CA PRO A 345 21.25 -23.01 10.52
C PRO A 345 19.95 -22.42 10.00
N PRO A 346 19.79 -21.10 10.06
CA PRO A 346 18.61 -20.38 9.61
C PRO A 346 18.04 -20.60 8.23
N ARG A 347 18.88 -20.83 7.24
CA ARG A 347 18.42 -21.10 5.90
C ARG A 347 17.96 -22.53 5.71
N VAL A 348 18.21 -23.38 6.69
CA VAL A 348 17.85 -24.78 6.59
C VAL A 348 16.78 -25.08 7.63
N THR A 349 17.06 -24.87 8.94
CA THR A 349 16.17 -25.07 10.09
C THR A 349 15.80 -26.52 10.33
N SER A 350 15.23 -26.82 11.51
CA SER A 350 14.75 -28.15 11.81
C SER A 350 13.22 -28.20 12.00
N GLY A 351 12.50 -27.19 11.49
CA GLY A 351 11.07 -27.16 11.74
C GLY A 351 10.27 -26.57 10.61
N ILE A 352 8.94 -26.70 10.74
CA ILE A 352 8.01 -26.03 9.82
C ILE A 352 6.89 -25.40 10.65
N ARG A 353 6.31 -24.34 10.10
CA ARG A 353 5.16 -23.67 10.69
C ARG A 353 3.92 -24.02 9.89
N ILE A 354 2.84 -24.39 10.57
CA ILE A 354 1.57 -24.75 9.97
C ILE A 354 0.50 -23.90 10.64
N GLY A 355 -0.49 -23.48 9.84
CA GLY A 355 -1.62 -22.68 10.34
C GLY A 355 -2.93 -23.10 9.68
N THR A 356 -3.97 -23.11 10.34
CA THR A 356 -5.31 -23.55 9.86
C THR A 356 -6.28 -22.45 9.39
N PRO A 357 -6.09 -21.17 9.46
CA PRO A 357 -7.09 -20.20 9.00
C PRO A 357 -7.61 -20.45 7.58
N ALA A 358 -6.70 -20.72 6.65
CA ALA A 358 -7.13 -20.81 5.26
C ALA A 358 -7.94 -22.08 5.02
N ILE A 359 -7.47 -23.23 5.53
CA ILE A 359 -8.27 -24.43 5.26
C ILE A 359 -9.57 -24.39 6.06
N THR A 360 -9.58 -23.74 7.23
CA THR A 360 -10.83 -23.64 7.97
C THR A 360 -11.86 -22.82 7.18
N THR A 361 -11.41 -21.78 6.48
CA THR A 361 -12.31 -20.99 5.64
C THR A 361 -12.91 -21.84 4.53
N ARG A 362 -12.17 -22.82 4.04
CA ARG A 362 -12.69 -23.74 3.03
C ARG A 362 -13.53 -24.89 3.61
N GLY A 363 -13.91 -24.83 4.88
CA GLY A 363 -14.82 -25.79 5.43
C GLY A 363 -14.20 -27.03 6.05
N PHE A 364 -12.88 -27.09 6.20
CA PHE A 364 -12.28 -28.23 6.92
C PHE A 364 -12.67 -28.19 8.39
N THR A 365 -12.95 -29.36 8.97
CA THR A 365 -13.38 -29.46 10.36
C THR A 365 -12.46 -30.41 11.12
N PRO A 366 -12.52 -30.42 12.46
CA PRO A 366 -11.50 -31.17 13.22
C PRO A 366 -11.47 -32.65 12.90
N GLU A 367 -12.62 -33.24 12.54
CA GLU A 367 -12.64 -34.66 12.20
C GLU A 367 -11.90 -34.96 10.91
N GLU A 368 -11.60 -33.96 10.08
CA GLU A 368 -10.80 -34.22 8.90
C GLU A 368 -9.32 -34.03 9.14
N MET A 369 -8.92 -33.49 10.29
CA MET A 369 -7.49 -33.30 10.53
C MET A 369 -6.67 -34.59 10.56
N PRO A 370 -7.18 -35.77 11.01
CA PRO A 370 -6.39 -37.01 10.85
C PRO A 370 -5.94 -37.24 9.42
N LEU A 371 -6.85 -37.00 8.47
CA LEU A 371 -6.53 -37.20 7.06
C LEU A 371 -5.46 -36.21 6.59
N VAL A 372 -5.59 -34.93 6.95
CA VAL A 372 -4.54 -33.97 6.58
C VAL A 372 -3.21 -34.40 7.18
N ALA A 373 -3.20 -34.81 8.45
CA ALA A 373 -1.96 -35.24 9.07
C ALA A 373 -1.33 -36.42 8.33
N GLU A 374 -2.15 -37.36 7.86
CA GLU A 374 -1.57 -38.52 7.17
C GLU A 374 -0.99 -38.13 5.82
N LEU A 375 -1.64 -37.25 5.08
CA LEU A 375 -1.08 -36.77 3.80
C LEU A 375 0.28 -36.09 4.02
N ILE A 376 0.34 -35.20 5.02
CA ILE A 376 1.62 -34.56 5.35
C ILE A 376 2.68 -35.61 5.66
N ASP A 377 2.35 -36.56 6.54
CA ASP A 377 3.32 -37.58 6.93
C ASP A 377 3.79 -38.39 5.72
N ARG A 378 2.86 -38.79 4.87
CA ARG A 378 3.24 -39.60 3.69
C ARG A 378 4.17 -38.80 2.77
N ALA A 379 3.83 -37.53 2.54
CA ALA A 379 4.69 -36.71 1.69
C ALA A 379 6.09 -36.58 2.26
N LEU A 380 6.19 -36.46 3.59
CA LEU A 380 7.51 -36.31 4.20
C LEU A 380 8.31 -37.62 4.16
N LEU A 381 7.64 -38.75 4.35
CA LEU A 381 8.39 -40.01 4.43
C LEU A 381 8.52 -40.71 3.08
N GLU A 382 7.45 -40.76 2.29
CA GLU A 382 7.54 -41.39 0.97
C GLU A 382 8.05 -40.45 -0.11
N GLY A 383 7.95 -39.14 0.11
CA GLY A 383 8.33 -38.19 -0.91
C GLY A 383 7.21 -37.96 -1.89
N PRO A 384 7.42 -37.03 -2.83
CA PRO A 384 6.37 -36.70 -3.80
C PRO A 384 6.10 -37.83 -4.76
N SER A 385 4.82 -38.00 -5.11
CA SER A 385 4.42 -38.97 -6.12
C SER A 385 3.15 -38.47 -6.77
N GLU A 386 2.81 -39.05 -7.92
CA GLU A 386 1.62 -38.60 -8.64
C GLU A 386 0.36 -39.02 -7.91
N ALA A 387 0.34 -40.25 -7.38
CA ALA A 387 -0.80 -40.68 -6.57
C ALA A 387 -1.04 -39.73 -5.40
N LEU A 388 0.02 -39.30 -4.71
CA LEU A 388 -0.19 -38.44 -3.55
C LEU A 388 -0.69 -37.06 -3.97
N ARG A 389 -0.12 -36.49 -5.03
CA ARG A 389 -0.59 -35.22 -5.55
C ARG A 389 -2.08 -35.29 -5.89
N GLU A 390 -2.54 -36.40 -6.47
CA GLU A 390 -3.96 -36.54 -6.86
C GLU A 390 -4.87 -36.60 -5.62
N GLU A 391 -4.42 -37.28 -4.58
CA GLU A 391 -5.20 -37.35 -3.31
C GLU A 391 -5.36 -35.95 -2.70
N VAL A 392 -4.31 -35.15 -2.66
CA VAL A 392 -4.40 -33.77 -2.19
C VAL A 392 -5.40 -32.97 -3.04
N ARG A 393 -5.29 -33.06 -4.35
CA ARG A 393 -6.19 -32.37 -5.25
C ARG A 393 -7.65 -32.71 -5.00
N ARG A 394 -7.95 -33.98 -4.87
CA ARG A 394 -9.30 -34.43 -4.62
C ARG A 394 -9.83 -33.90 -3.33
N LEU A 395 -9.01 -33.99 -2.30
CA LEU A 395 -9.41 -33.48 -1.01
C LEU A 395 -9.65 -31.96 -1.10
N ALA A 396 -8.76 -31.27 -1.78
CA ALA A 396 -8.91 -29.82 -1.86
C ALA A 396 -10.18 -29.45 -2.64
N LEU A 397 -10.39 -30.07 -3.80
CA LEU A 397 -11.58 -29.77 -4.61
C LEU A 397 -12.86 -30.09 -3.86
N ALA A 398 -12.83 -31.03 -2.92
CA ALA A 398 -14.04 -31.34 -2.18
C ALA A 398 -14.38 -30.29 -1.15
N HIS A 399 -13.54 -29.27 -0.99
CA HIS A 399 -13.78 -28.20 -0.02
C HIS A 399 -13.76 -26.84 -0.71
N PRO A 400 -14.93 -26.30 -1.12
CA PRO A 400 -14.95 -25.08 -1.91
C PRO A 400 -14.27 -23.83 -1.34
N MET A 401 -13.82 -22.98 -2.26
CA MET A 401 -13.27 -21.67 -1.84
C MET A 401 -14.45 -20.70 -1.77
N PRO A 402 -14.32 -19.61 -0.99
CA PRO A 402 -15.39 -18.64 -0.86
C PRO A 402 -15.81 -18.00 -2.20
N LYS B 1 -23.92 -13.05 5.04
CA LYS B 1 -24.77 -11.84 4.98
C LYS B 1 -24.08 -10.73 4.17
N ARG B 2 -24.79 -10.11 3.24
CA ARG B 2 -24.19 -9.07 2.42
C ARG B 2 -24.13 -7.74 3.19
N ASP B 3 -23.03 -7.00 3.03
CA ASP B 3 -22.84 -5.69 3.69
C ASP B 3 -23.59 -4.62 2.91
N GLU B 4 -24.91 -4.57 3.11
CA GLU B 4 -25.74 -3.73 2.25
C GLU B 4 -25.42 -2.25 2.42
N ALA B 5 -25.09 -1.80 3.62
CA ALA B 5 -24.84 -0.36 3.85
C ALA B 5 -23.59 0.10 3.08
N LEU B 6 -22.55 -0.72 3.09
CA LEU B 6 -21.27 -0.38 2.40
C LEU B 6 -21.53 -0.28 0.89
N PHE B 7 -22.22 -1.25 0.34
CA PHE B 7 -22.44 -1.32 -1.14
C PHE B 7 -23.37 -0.17 -1.57
N GLU B 8 -24.28 0.21 -0.69
CA GLU B 8 -25.06 1.40 -1.00
C GLU B 8 -24.17 2.63 -1.13
N LEU B 9 -23.18 2.79 -0.25
CA LEU B 9 -22.24 3.90 -0.37
C LEU B 9 -21.42 3.81 -1.65
N ILE B 10 -21.01 2.60 -2.05
CA ILE B 10 -20.25 2.45 -3.30
C ILE B 10 -21.11 2.86 -4.50
N ALA B 11 -22.39 2.45 -4.49
CA ALA B 11 -23.31 2.87 -5.54
C ALA B 11 -23.47 4.39 -5.58
N LEU B 12 -23.50 5.03 -4.40
CA LEU B 12 -23.58 6.49 -4.35
C LEU B 12 -22.33 7.14 -4.94
N GLU B 13 -21.15 6.58 -4.67
CA GLU B 13 -19.92 7.11 -5.26
C GLU B 13 -19.90 6.92 -6.78
N GLU B 14 -20.36 5.75 -7.29
CA GLU B 14 -20.48 5.55 -8.73
C GLU B 14 -21.36 6.63 -9.36
N LYS B 15 -22.52 6.89 -8.75
CA LYS B 15 -23.41 7.93 -9.25
C LYS B 15 -22.73 9.28 -9.23
N ARG B 16 -22.06 9.63 -8.10
CA ARG B 16 -21.38 10.91 -8.02
C ARG B 16 -20.35 11.05 -9.13
N GLN B 17 -19.60 9.98 -9.42
CA GLN B 17 -18.59 10.05 -10.48
C GLN B 17 -19.23 10.22 -11.85
N ARG B 18 -20.40 9.62 -12.07
CA ARG B 18 -21.04 9.67 -13.40
C ARG B 18 -21.74 11.01 -13.62
N GLU B 19 -22.26 11.60 -12.54
CA GLU B 19 -23.09 12.78 -12.66
C GLU B 19 -22.35 14.11 -12.49
N GLY B 20 -21.03 14.11 -12.35
CA GLY B 20 -20.27 15.35 -12.19
C GLY B 20 -19.14 15.44 -13.19
N LEU B 21 -18.41 16.55 -13.12
CA LEU B 21 -17.23 16.79 -13.95
C LEU B 21 -16.02 16.69 -13.03
N GLU B 22 -15.31 15.56 -13.11
CA GLU B 22 -14.13 15.32 -12.25
C GLU B 22 -12.89 15.97 -12.87
N LEU B 23 -12.51 17.13 -12.34
CA LEU B 23 -11.42 17.88 -12.93
C LEU B 23 -10.16 17.88 -12.04
N ILE B 24 -10.05 16.94 -11.12
CA ILE B 24 -8.83 16.83 -10.32
C ILE B 24 -7.72 16.25 -11.18
N ALA B 25 -6.61 16.98 -11.28
CA ALA B 25 -5.58 16.64 -12.27
C ALA B 25 -4.90 15.31 -12.01
N SER B 26 -4.92 14.82 -10.77
CA SER B 26 -4.28 13.58 -10.39
C SER B 26 -5.23 12.37 -10.42
N GLU B 27 -6.45 12.54 -10.92
CA GLU B 27 -7.42 11.45 -10.97
C GLU B 27 -7.65 11.01 -12.42
N ASN B 28 -8.25 9.83 -12.57
CA ASN B 28 -8.60 9.25 -13.86
C ASN B 28 -9.69 8.23 -13.59
N PHE B 29 -10.18 7.57 -14.64
CA PHE B 29 -11.16 6.49 -14.50
C PHE B 29 -10.56 5.22 -15.09
N VAL B 30 -10.32 4.20 -14.25
CA VAL B 30 -9.69 2.96 -14.73
C VAL B 30 -10.71 2.12 -15.49
N SER B 31 -10.21 1.28 -16.38
CA SER B 31 -11.07 0.41 -17.17
C SER B 31 -11.64 -0.73 -16.32
N LYS B 32 -12.68 -1.37 -16.85
CA LYS B 32 -13.27 -2.55 -16.19
C LYS B 32 -12.22 -3.66 -16.00
N GLN B 33 -11.36 -3.85 -16.99
CA GLN B 33 -10.43 -4.97 -16.84
C GLN B 33 -9.33 -4.66 -15.81
N VAL B 34 -8.98 -3.39 -15.62
CA VAL B 34 -8.08 -3.06 -14.49
C VAL B 34 -8.75 -3.42 -13.18
N ARG B 35 -10.03 -3.06 -13.04
CA ARG B 35 -10.76 -3.38 -11.81
C ARG B 35 -10.92 -4.87 -11.61
N GLU B 36 -11.14 -5.60 -12.70
CA GLU B 36 -11.24 -7.05 -12.62
C GLU B 36 -9.95 -7.68 -12.06
N ALA B 37 -8.78 -7.22 -12.52
CA ALA B 37 -7.53 -7.75 -11.99
C ALA B 37 -7.35 -7.38 -10.50
N VAL B 38 -7.71 -6.15 -10.13
CA VAL B 38 -7.48 -5.70 -8.75
C VAL B 38 -8.42 -6.42 -7.80
N GLY B 39 -9.62 -6.79 -8.28
CA GLY B 39 -10.57 -7.56 -7.50
C GLY B 39 -10.38 -9.07 -7.58
N SER B 40 -9.21 -9.55 -7.98
CA SER B 40 -9.00 -10.98 -8.23
C SER B 40 -8.53 -11.71 -6.97
N VAL B 41 -8.41 -13.05 -7.06
CA VAL B 41 -7.97 -13.86 -5.92
C VAL B 41 -6.48 -13.73 -5.66
N LEU B 42 -5.76 -12.95 -6.49
CA LEU B 42 -4.33 -12.81 -6.22
C LEU B 42 -4.05 -12.12 -4.90
N THR B 43 -5.05 -11.45 -4.31
CA THR B 43 -4.87 -10.94 -2.95
C THR B 43 -4.62 -12.06 -1.93
N ASN B 44 -4.92 -13.31 -2.26
CA ASN B 44 -4.84 -14.40 -1.26
C ASN B 44 -3.41 -14.96 -1.10
N LYS B 45 -2.41 -14.42 -1.81
CA LYS B 45 -1.04 -14.99 -1.76
C LYS B 45 -0.01 -14.03 -1.16
N TYR B 46 0.75 -14.52 -0.20
CA TYR B 46 1.84 -13.71 0.40
C TYR B 46 3.09 -13.93 -0.45
N ALA B 47 3.49 -12.90 -1.20
CA ALA B 47 4.60 -13.08 -2.16
C ALA B 47 5.86 -12.27 -1.77
N GLU B 48 6.23 -12.28 -0.49
CA GLU B 48 7.46 -11.61 -0.09
C GLU B 48 8.65 -12.11 -0.89
N GLY B 49 9.50 -11.18 -1.29
CA GLY B 49 10.61 -11.44 -2.18
C GLY B 49 10.32 -10.97 -3.59
N TYR B 50 11.04 -11.56 -4.54
CA TYR B 50 10.96 -11.20 -5.95
C TYR B 50 10.77 -12.45 -6.79
N PRO B 51 10.37 -12.31 -8.07
CA PRO B 51 10.12 -13.48 -8.90
C PRO B 51 11.31 -14.42 -8.92
N GLY B 52 11.05 -15.71 -8.69
CA GLY B 52 12.11 -16.71 -8.63
C GLY B 52 12.96 -16.65 -7.38
N ALA B 53 12.66 -15.76 -6.44
CA ALA B 53 13.40 -15.66 -5.20
C ALA B 53 12.44 -15.25 -4.09
N ARG B 54 11.39 -16.04 -3.90
CA ARG B 54 10.38 -15.75 -2.89
C ARG B 54 10.70 -16.44 -1.58
N TYR B 55 10.20 -15.87 -0.50
CA TYR B 55 10.31 -16.50 0.80
C TYR B 55 9.47 -17.77 0.88
N TYR B 56 8.25 -17.74 0.32
CA TYR B 56 7.31 -18.86 0.44
C TYR B 56 7.02 -19.54 -0.89
N GLY B 57 6.60 -20.82 -0.79
CA GLY B 57 6.24 -21.59 -1.96
C GLY B 57 4.88 -21.19 -2.53
N GLY B 58 4.50 -21.86 -3.62
CA GLY B 58 3.21 -21.57 -4.23
C GLY B 58 3.13 -20.31 -5.05
N CYS B 59 4.27 -19.69 -5.42
CA CYS B 59 4.26 -18.42 -6.16
C CYS B 59 4.59 -18.60 -7.64
N GLU B 60 4.52 -19.82 -8.17
CA GLU B 60 4.94 -20.04 -9.55
C GLU B 60 4.10 -19.22 -10.54
N VAL B 61 2.79 -19.09 -10.29
CA VAL B 61 1.98 -18.29 -11.21
C VAL B 61 2.11 -16.80 -10.91
N ILE B 62 2.11 -16.43 -9.62
CA ILE B 62 2.34 -15.04 -9.20
C ILE B 62 3.62 -14.50 -9.81
N ASP B 63 4.67 -15.33 -9.88
CA ASP B 63 5.93 -14.88 -10.46
C ASP B 63 5.78 -14.51 -11.93
N ARG B 64 4.99 -15.28 -12.67
CA ARG B 64 4.77 -14.90 -14.07
C ARG B 64 3.96 -13.61 -14.18
N VAL B 65 3.04 -13.38 -13.27
CA VAL B 65 2.25 -12.10 -13.26
C VAL B 65 3.18 -10.91 -13.01
N GLU B 66 4.03 -11.01 -12.00
CA GLU B 66 4.91 -9.88 -11.64
C GLU B 66 5.96 -9.64 -12.75
N SER B 67 6.52 -10.72 -13.28
N SER B 67 6.46 -10.75 -13.23
CA SER B 67 7.53 -10.60 -14.36
CA SER B 67 7.48 -10.62 -14.31
C SER B 67 6.87 -9.97 -15.59
C SER B 67 6.85 -9.95 -15.53
N LEU B 68 5.62 -10.35 -15.85
CA LEU B 68 4.94 -9.71 -16.98
C LEU B 68 4.80 -8.19 -16.76
N ALA B 69 4.38 -7.78 -15.54
CA ALA B 69 4.30 -6.35 -15.22
C ALA B 69 5.67 -5.67 -15.35
N ILE B 70 6.71 -6.29 -14.79
CA ILE B 70 8.07 -5.74 -14.89
C ILE B 70 8.48 -5.57 -16.36
N GLU B 71 8.33 -6.63 -17.17
CA GLU B 71 8.82 -6.56 -18.56
C GLU B 71 8.00 -5.59 -19.40
N ARG B 72 6.70 -5.50 -19.17
CA ARG B 72 5.92 -4.47 -19.88
C ARG B 72 6.30 -3.06 -19.46
N ALA B 73 6.57 -2.83 -18.18
CA ALA B 73 7.01 -1.49 -17.76
C ALA B 73 8.33 -1.13 -18.45
N LYS B 74 9.26 -2.09 -18.52
CA LYS B 74 10.54 -1.84 -19.19
C LYS B 74 10.32 -1.51 -20.67
N ALA B 75 9.45 -2.27 -21.35
CA ALA B 75 9.22 -2.07 -22.78
C ALA B 75 8.51 -0.74 -23.03
N LEU B 76 7.57 -0.38 -22.16
CA LEU B 76 6.81 0.86 -22.32
C LEU B 76 7.68 2.10 -22.19
N PHE B 77 8.62 2.12 -21.24
CA PHE B 77 9.42 3.30 -20.97
C PHE B 77 10.85 3.18 -21.48
N GLY B 78 11.24 2.04 -22.02
CA GLY B 78 12.60 1.84 -22.47
C GLY B 78 13.60 1.75 -21.33
N ALA B 79 13.26 1.06 -20.25
CA ALA B 79 14.11 0.98 -19.07
C ALA B 79 14.79 -0.38 -19.04
N ALA B 80 15.96 -0.42 -18.41
CA ALA B 80 16.67 -1.67 -18.22
C ALA B 80 16.21 -2.43 -16.99
N TRP B 81 15.57 -1.76 -16.03
CA TRP B 81 15.17 -2.40 -14.79
C TRP B 81 13.88 -1.73 -14.31
N ALA B 82 13.01 -2.51 -13.66
CA ALA B 82 11.83 -1.92 -13.05
C ALA B 82 11.50 -2.66 -11.76
N ASN B 83 10.83 -1.95 -10.85
CA ASN B 83 10.28 -2.55 -9.62
C ASN B 83 8.81 -2.14 -9.59
N VAL B 84 7.91 -3.13 -9.57
CA VAL B 84 6.47 -2.86 -9.62
C VAL B 84 5.79 -3.06 -8.26
N GLN B 85 6.55 -3.31 -7.20
CA GLN B 85 5.99 -3.58 -5.84
C GLN B 85 5.58 -2.34 -5.00
N PRO B 86 6.08 -1.11 -5.25
CA PRO B 86 5.73 0.02 -4.37
C PRO B 86 4.20 0.19 -4.23
N HIS B 87 3.72 0.26 -2.99
CA HIS B 87 2.27 0.41 -2.70
C HIS B 87 1.72 1.77 -3.20
N SER B 88 2.61 2.76 -3.40
CA SER B 88 2.14 4.11 -3.73
C SER B 88 3.31 4.91 -4.26
N GLY B 89 3.00 6.08 -4.82
CA GLY B 89 4.07 6.99 -5.20
C GLY B 89 4.97 7.36 -4.03
N SER B 90 4.38 7.54 -2.84
CA SER B 90 5.15 7.94 -1.67
C SER B 90 6.13 6.85 -1.24
N GLN B 91 5.71 5.58 -1.28
CA GLN B 91 6.62 4.50 -0.93
C GLN B 91 7.71 4.33 -1.99
N ALA B 92 7.38 4.54 -3.27
CA ALA B 92 8.41 4.50 -4.30
C ALA B 92 9.51 5.54 -4.01
N ASN B 93 9.12 6.76 -3.67
CA ASN B 93 10.11 7.79 -3.36
C ASN B 93 10.91 7.46 -2.10
N MET B 94 10.21 6.97 -1.06
CA MET B 94 10.90 6.62 0.18
C MET B 94 12.00 5.59 -0.05
N ALA B 95 11.71 4.54 -0.81
CA ALA B 95 12.70 3.50 -1.05
C ALA B 95 13.90 4.05 -1.78
N VAL B 96 13.67 4.92 -2.76
CA VAL B 96 14.77 5.47 -3.55
C VAL B 96 15.68 6.34 -2.67
N TYR B 97 15.09 7.23 -1.86
CA TYR B 97 15.88 8.09 -0.99
C TYR B 97 16.72 7.26 -0.02
N MET B 98 16.11 6.25 0.59
CA MET B 98 16.82 5.46 1.58
C MET B 98 17.91 4.60 0.94
N ALA B 99 17.78 4.28 -0.35
CA ALA B 99 18.83 3.54 -1.05
C ALA B 99 20.01 4.43 -1.42
N LEU B 100 19.77 5.72 -1.64
CA LEU B 100 20.80 6.61 -2.14
C LEU B 100 21.40 7.51 -1.06
N MET B 101 20.72 7.68 0.07
CA MET B 101 21.13 8.63 1.09
C MET B 101 21.09 8.02 2.48
N GLU B 102 21.92 8.59 3.36
CA GLU B 102 21.78 8.35 4.79
C GLU B 102 21.01 9.49 5.42
N PRO B 103 20.36 9.29 6.58
CA PRO B 103 19.68 10.42 7.21
C PRO B 103 20.68 11.53 7.49
N GLY B 104 20.21 12.78 7.37
CA GLY B 104 21.06 13.93 7.48
C GLY B 104 21.71 14.37 6.17
N ASP B 105 21.68 13.56 5.12
CA ASP B 105 22.18 14.02 3.83
C ASP B 105 21.28 15.13 3.27
N THR B 106 21.80 15.85 2.29
CA THR B 106 21.09 16.99 1.70
C THR B 106 20.29 16.55 0.47
N LEU B 107 19.00 16.85 0.50
CA LEU B 107 18.07 16.59 -0.60
C LEU B 107 17.65 17.91 -1.23
N MET B 108 17.70 17.99 -2.56
CA MET B 108 17.23 19.18 -3.28
C MET B 108 15.97 18.84 -4.07
N GLY B 109 14.91 19.65 -3.88
CA GLY B 109 13.66 19.38 -4.57
C GLY B 109 12.90 20.68 -4.79
N MET B 110 11.82 20.59 -5.54
CA MET B 110 11.04 21.79 -5.84
C MET B 110 10.18 22.23 -4.65
N ASP B 111 10.22 23.52 -4.36
CA ASP B 111 9.38 24.10 -3.29
C ASP B 111 7.91 23.72 -3.52
N LEU B 112 7.20 23.41 -2.45
CA LEU B 112 5.79 22.94 -2.60
C LEU B 112 4.93 23.98 -3.33
N ALA B 113 4.90 25.22 -2.84
CA ALA B 113 4.05 26.23 -3.49
C ALA B 113 4.41 26.39 -4.97
N ALA B 114 5.69 26.35 -5.30
CA ALA B 114 6.09 26.43 -6.69
C ALA B 114 5.61 25.23 -7.50
N GLY B 115 5.28 24.11 -6.85
CA GLY B 115 4.80 22.96 -7.61
C GLY B 115 5.30 21.62 -7.11
N GLY B 116 6.28 21.60 -6.20
CA GLY B 116 6.83 20.33 -5.77
C GLY B 116 5.87 19.50 -4.94
N HIS B 117 6.14 18.20 -4.91
CA HIS B 117 5.29 17.28 -4.11
C HIS B 117 5.75 17.25 -2.66
N LEU B 118 4.84 16.88 -1.78
CA LEU B 118 5.14 16.69 -0.35
C LEU B 118 6.42 15.90 -0.12
N THR B 119 6.65 14.84 -0.91
CA THR B 119 7.82 13.97 -0.69
C THR B 119 9.09 14.54 -1.30
N HIS B 120 9.03 15.76 -1.85
CA HIS B 120 10.22 16.40 -2.39
C HIS B 120 10.86 17.34 -1.39
N GLY B 121 10.53 17.19 -0.11
CA GLY B 121 11.25 17.88 0.93
C GLY B 121 10.40 18.64 1.93
N SER B 122 9.12 18.37 1.98
CA SER B 122 8.33 19.05 2.96
C SER B 122 8.67 18.69 4.42
N ARG B 123 8.77 19.69 5.27
CA ARG B 123 9.03 19.47 6.69
C ARG B 123 8.01 18.58 7.45
N VAL B 124 6.78 18.50 6.97
CA VAL B 124 5.75 17.67 7.62
C VAL B 124 5.76 16.25 7.03
N ASN B 125 6.61 16.01 6.08
CA ASN B 125 6.74 14.73 5.40
C ASN B 125 8.04 14.09 5.86
N PHE B 126 8.14 12.77 5.70
CA PHE B 126 9.40 12.10 6.03
C PHE B 126 10.59 12.70 5.28
N SER B 127 10.36 13.21 4.06
CA SER B 127 11.49 13.70 3.27
C SER B 127 12.18 14.89 3.95
N GLY B 128 11.39 15.78 4.56
CA GLY B 128 11.95 16.90 5.28
C GLY B 128 12.33 16.60 6.72
N LYS B 129 11.86 15.48 7.26
CA LYS B 129 12.25 15.09 8.61
C LYS B 129 13.58 14.36 8.64
N LEU B 130 13.85 13.50 7.65
CA LEU B 130 15.06 12.68 7.67
C LEU B 130 16.25 13.33 6.99
N TYR B 131 16.03 14.26 6.05
CA TYR B 131 17.11 14.83 5.23
C TYR B 131 17.14 16.33 5.42
N LYS B 132 18.29 16.93 5.08
CA LYS B 132 18.41 18.41 5.06
C LYS B 132 17.91 18.82 3.68
N VAL B 133 16.97 19.73 3.63
CA VAL B 133 16.28 20.05 2.38
C VAL B 133 16.68 21.42 1.88
N VAL B 134 16.95 21.52 0.62
CA VAL B 134 17.17 22.76 -0.12
C VAL B 134 16.17 22.75 -1.28
N SER B 135 15.48 23.87 -1.41
CA SER B 135 14.38 23.91 -2.37
C SER B 135 14.67 24.89 -3.49
N TYR B 136 14.30 24.53 -4.70
CA TYR B 136 14.30 25.51 -5.79
C TYR B 136 12.84 25.84 -6.14
N GLY B 137 12.65 27.01 -6.73
CA GLY B 137 11.33 27.50 -7.07
C GLY B 137 11.24 27.87 -8.55
N VAL B 138 10.37 28.84 -8.83
CA VAL B 138 10.20 29.40 -10.16
C VAL B 138 10.45 30.91 -10.08
N ARG B 139 10.68 31.51 -11.24
CA ARG B 139 10.90 32.95 -11.30
C ARG B 139 9.61 33.71 -11.04
N PRO B 140 9.68 34.83 -10.30
CA PRO B 140 8.45 35.61 -10.06
C PRO B 140 7.81 36.19 -11.33
N ASP B 141 8.55 36.41 -12.41
CA ASP B 141 7.96 37.08 -13.57
C ASP B 141 7.29 36.09 -14.53
N THR B 142 8.02 35.04 -14.94
CA THR B 142 7.51 34.06 -15.90
C THR B 142 6.88 32.83 -15.24
N GLU B 143 7.13 32.62 -13.96
CA GLU B 143 6.68 31.46 -13.19
C GLU B 143 7.22 30.16 -13.78
N LEU B 144 8.37 30.23 -14.44
CA LEU B 144 9.13 29.11 -14.98
C LEU B 144 10.35 28.83 -14.11
N ILE B 145 10.81 27.58 -14.14
CA ILE B 145 12.06 27.18 -13.50
C ILE B 145 13.22 27.92 -14.17
N ASP B 146 14.13 28.47 -13.37
CA ASP B 146 15.35 29.08 -13.89
C ASP B 146 16.49 28.08 -13.65
N LEU B 147 17.03 27.50 -14.74
CA LEU B 147 18.07 26.48 -14.58
C LEU B 147 19.36 27.04 -13.98
N GLU B 148 19.64 28.33 -14.18
CA GLU B 148 20.82 28.92 -13.55
C GLU B 148 20.63 29.12 -12.05
N GLU B 149 19.40 29.37 -11.60
CA GLU B 149 19.15 29.41 -10.14
C GLU B 149 19.34 27.99 -9.58
N VAL B 150 18.83 26.99 -10.29
CA VAL B 150 18.98 25.59 -9.86
C VAL B 150 20.46 25.23 -9.75
N ARG B 151 21.26 25.59 -10.74
CA ARG B 151 22.69 25.33 -10.72
C ARG B 151 23.42 25.97 -9.54
N ARG B 152 23.14 27.23 -9.28
CA ARG B 152 23.74 27.97 -8.18
C ARG B 152 23.48 27.29 -6.86
N LEU B 153 22.23 26.92 -6.66
CA LEU B 153 21.84 26.28 -5.45
C LEU B 153 22.56 24.94 -5.28
N ALA B 154 22.68 24.21 -6.37
CA ALA B 154 23.34 22.91 -6.28
C ALA B 154 24.82 23.08 -5.96
N LEU B 155 25.47 24.06 -6.58
CA LEU B 155 26.88 24.30 -6.29
C LEU B 155 27.09 24.80 -4.87
N GLU B 156 26.14 25.61 -4.36
CA GLU B 156 26.28 26.13 -3.00
C GLU B 156 26.06 25.06 -1.95
N HIS B 157 25.02 24.22 -2.12
CA HIS B 157 24.62 23.30 -1.05
C HIS B 157 25.07 21.85 -1.27
N ARG B 158 25.51 21.51 -2.47
CA ARG B 158 26.05 20.19 -2.76
C ARG B 158 25.10 19.09 -2.30
N PRO B 159 23.90 19.04 -2.88
CA PRO B 159 22.97 17.95 -2.55
C PRO B 159 23.51 16.60 -3.00
N LYS B 160 23.10 15.56 -2.26
CA LYS B 160 23.37 14.17 -2.66
C LYS B 160 22.38 13.69 -3.72
N VAL B 161 21.13 14.14 -3.61
CA VAL B 161 20.06 13.80 -4.55
C VAL B 161 19.41 15.10 -4.98
N ILE B 162 19.21 15.27 -6.29
CA ILE B 162 18.35 16.33 -6.82
C ILE B 162 17.11 15.66 -7.38
N VAL B 163 15.93 16.16 -7.01
CA VAL B 163 14.66 15.65 -7.54
C VAL B 163 14.09 16.65 -8.54
N ALA B 164 13.79 16.17 -9.75
CA ALA B 164 13.00 16.88 -10.75
C ALA B 164 11.64 16.18 -10.94
N GLY B 165 10.63 16.94 -11.36
CA GLY B 165 9.27 16.44 -11.27
C GLY B 165 8.47 17.21 -10.22
N ALA B 166 7.15 17.19 -10.38
CA ALA B 166 6.29 18.03 -9.54
C ALA B 166 4.82 17.55 -9.55
N SER B 167 4.01 18.14 -8.69
CA SER B 167 2.58 17.79 -8.60
C SER B 167 1.73 18.88 -9.30
N ALA B 168 2.31 20.04 -9.57
CA ALA B 168 1.53 21.16 -10.14
C ALA B 168 2.40 22.10 -10.98
N TYR B 169 3.33 21.56 -11.74
CA TYR B 169 4.11 22.42 -12.65
C TYR B 169 3.61 22.17 -14.05
N PRO B 170 3.10 23.19 -14.76
CA PRO B 170 2.41 22.93 -16.03
C PRO B 170 3.30 22.98 -17.27
N ARG B 171 4.61 23.01 -17.14
CA ARG B 171 5.46 23.12 -18.32
C ARG B 171 6.43 21.95 -18.39
N PHE B 172 7.10 21.85 -19.54
CA PHE B 172 8.03 20.76 -19.77
C PHE B 172 9.27 20.94 -18.90
N TRP B 173 9.96 19.84 -18.69
CA TRP B 173 11.21 19.78 -17.94
C TRP B 173 12.35 19.54 -18.90
N ASP B 174 13.49 20.13 -18.61
CA ASP B 174 14.73 19.90 -19.35
C ASP B 174 15.57 18.91 -18.56
N PHE B 175 15.38 17.61 -18.82
CA PHE B 175 16.06 16.60 -18.03
C PHE B 175 17.54 16.53 -18.35
N LYS B 176 17.93 16.85 -19.58
CA LYS B 176 19.35 16.91 -19.93
C LYS B 176 20.07 17.95 -19.07
N ALA B 177 19.49 19.14 -18.93
CA ALA B 177 20.10 20.18 -18.13
C ALA B 177 20.15 19.79 -16.66
N PHE B 178 19.09 19.16 -16.15
CA PHE B 178 19.10 18.74 -14.76
C PHE B 178 20.19 17.69 -14.52
N ARG B 179 20.39 16.80 -15.50
CA ARG B 179 21.46 15.82 -15.35
C ARG B 179 22.83 16.48 -15.38
N GLU B 180 23.04 17.46 -16.26
CA GLU B 180 24.32 18.21 -16.30
C GLU B 180 24.59 18.83 -14.93
N ILE B 181 23.58 19.45 -14.35
CA ILE B 181 23.75 20.08 -13.05
C ILE B 181 24.09 19.06 -11.98
N ALA B 182 23.36 17.94 -11.95
CA ALA B 182 23.66 16.87 -10.99
C ALA B 182 25.09 16.38 -11.13
N ASP B 183 25.56 16.22 -12.38
CA ASP B 183 26.92 15.77 -12.62
C ASP B 183 27.96 16.78 -12.12
N GLU B 184 27.63 18.08 -12.18
CA GLU B 184 28.58 19.09 -11.72
C GLU B 184 28.88 18.96 -10.23
N VAL B 185 27.92 18.47 -9.42
CA VAL B 185 28.15 18.32 -7.99
C VAL B 185 28.20 16.86 -7.57
N GLY B 186 28.16 15.93 -8.51
CA GLY B 186 28.20 14.53 -8.14
C GLY B 186 26.94 13.99 -7.48
N ALA B 187 25.79 14.61 -7.72
CA ALA B 187 24.50 14.19 -7.19
C ALA B 187 23.87 13.11 -8.07
N TYR B 188 22.98 12.33 -7.44
CA TYR B 188 22.03 11.55 -8.22
C TYR B 188 20.89 12.46 -8.70
N LEU B 189 20.47 12.26 -9.94
CA LEU B 189 19.23 12.88 -10.42
C LEU B 189 18.11 11.86 -10.32
N VAL B 190 17.09 12.18 -9.53
CA VAL B 190 15.87 11.37 -9.42
C VAL B 190 14.77 12.14 -10.11
N VAL B 191 14.07 11.51 -11.06
CA VAL B 191 12.90 12.15 -11.66
C VAL B 191 11.63 11.45 -11.16
N ASP B 192 10.74 12.22 -10.56
CA ASP B 192 9.41 11.76 -10.15
C ASP B 192 8.45 12.18 -11.27
N MET B 193 8.14 11.23 -12.14
CA MET B 193 7.28 11.53 -13.27
C MET B 193 5.81 11.14 -13.03
N ALA B 194 5.41 10.96 -11.76
CA ALA B 194 4.06 10.49 -11.44
C ALA B 194 2.99 11.18 -12.29
N HIS B 195 3.06 12.52 -12.38
CA HIS B 195 1.95 13.22 -13.03
C HIS B 195 1.95 13.00 -14.53
N PHE B 196 3.13 13.05 -15.17
CA PHE B 196 3.15 13.01 -16.63
C PHE B 196 3.62 11.67 -17.18
N ALA B 197 3.54 10.58 -16.39
CA ALA B 197 4.06 9.29 -16.88
C ALA B 197 3.33 8.83 -18.15
N GLY B 198 2.01 9.02 -18.21
CA GLY B 198 1.29 8.60 -19.40
C GLY B 198 1.67 9.41 -20.63
N LEU B 199 1.93 10.71 -20.44
CA LEU B 199 2.38 11.53 -21.58
C LEU B 199 3.74 11.07 -22.09
N VAL B 200 4.64 10.67 -21.17
CA VAL B 200 5.93 10.11 -21.57
C VAL B 200 5.72 8.83 -22.38
N ALA B 201 4.88 7.94 -21.87
CA ALA B 201 4.63 6.68 -22.57
C ALA B 201 4.07 6.91 -23.97
N ALA B 202 3.30 7.97 -24.15
CA ALA B 202 2.68 8.27 -25.44
C ALA B 202 3.58 9.12 -26.32
N GLY B 203 4.77 9.50 -25.85
CA GLY B 203 5.68 10.29 -26.65
C GLY B 203 5.36 11.76 -26.71
N LEU B 204 4.56 12.27 -25.78
CA LEU B 204 4.15 13.68 -25.78
C LEU B 204 4.85 14.51 -24.71
N HIS B 205 5.83 13.95 -24.03
CA HIS B 205 6.53 14.64 -22.98
C HIS B 205 7.95 14.11 -23.04
N PRO B 206 8.98 14.95 -22.86
CA PRO B 206 10.36 14.46 -22.82
C PRO B 206 10.49 13.28 -21.85
N ASN B 207 11.23 12.24 -22.29
CA ASN B 207 11.42 11.03 -21.52
C ASN B 207 12.60 11.24 -20.56
N PRO B 208 12.40 11.07 -19.25
CA PRO B 208 13.54 11.24 -18.32
C PRO B 208 14.49 10.05 -18.27
N LEU B 209 14.11 8.89 -18.81
CA LEU B 209 14.88 7.67 -18.55
C LEU B 209 16.34 7.76 -18.97
N PRO B 210 16.70 8.36 -20.12
CA PRO B 210 18.13 8.40 -20.48
C PRO B 210 18.96 9.29 -19.57
N TYR B 211 18.35 10.25 -18.86
CA TYR B 211 19.10 11.28 -18.14
C TYR B 211 19.07 11.10 -16.64
N ALA B 212 17.97 10.56 -16.10
CA ALA B 212 17.85 10.35 -14.67
C ALA B 212 18.64 9.12 -14.26
N HIS B 213 19.12 9.11 -13.03
CA HIS B 213 19.72 7.88 -12.48
C HIS B 213 18.57 6.92 -12.15
N VAL B 214 17.52 7.48 -11.55
CA VAL B 214 16.33 6.66 -11.16
C VAL B 214 15.06 7.46 -11.48
N VAL B 215 14.02 6.75 -11.92
CA VAL B 215 12.72 7.42 -12.19
C VAL B 215 11.66 6.76 -11.31
N THR B 216 10.90 7.59 -10.61
CA THR B 216 9.78 7.10 -9.79
C THR B 216 8.47 7.52 -10.47
N SER B 217 7.41 6.80 -10.18
CA SER B 217 6.09 7.13 -10.68
C SER B 217 4.98 6.45 -9.94
N THR B 218 3.79 6.95 -10.16
CA THR B 218 2.60 6.30 -9.72
C THR B 218 2.04 5.62 -10.99
N THR B 219 1.15 4.68 -10.82
CA THR B 219 0.48 4.01 -11.91
C THR B 219 -0.94 4.56 -12.20
N HIS B 220 -1.45 5.46 -11.38
CA HIS B 220 -2.83 5.92 -11.48
C HIS B 220 -3.18 7.35 -11.96
N LYS B 221 -2.25 8.05 -12.48
CA LYS B 221 -2.65 9.40 -12.95
C LYS B 221 -2.82 9.36 -14.48
N THR B 222 -1.92 10.01 -15.21
CA THR B 222 -1.96 9.97 -16.70
C THR B 222 -1.83 8.52 -17.20
N LEU B 223 -1.17 7.64 -16.44
CA LEU B 223 -1.02 6.27 -16.92
C LEU B 223 -2.32 5.50 -16.82
N ARG B 224 -3.25 5.94 -16.13
CA ARG B 224 -4.63 5.44 -16.12
C ARG B 224 -4.71 4.01 -15.57
N GLY B 225 -3.84 3.73 -14.64
CA GLY B 225 -3.84 2.38 -14.06
C GLY B 225 -4.31 2.35 -12.61
N PRO B 226 -4.11 1.22 -11.94
CA PRO B 226 -4.54 1.10 -10.54
C PRO B 226 -3.66 1.98 -9.67
N ARG B 227 -4.13 2.23 -8.46
CA ARG B 227 -3.44 3.06 -7.50
C ARG B 227 -2.20 2.32 -6.97
N GLY B 228 -1.02 2.89 -7.13
CA GLY B 228 0.21 2.20 -6.73
C GLY B 228 1.41 2.91 -7.30
N GLY B 229 2.60 2.36 -6.98
CA GLY B 229 3.86 3.00 -7.32
C GLY B 229 4.70 2.16 -8.28
N LEU B 230 5.79 2.76 -8.74
CA LEU B 230 6.62 2.15 -9.79
C LEU B 230 8.00 2.82 -9.73
N ILE B 231 9.06 2.05 -9.95
CA ILE B 231 10.41 2.60 -10.03
C ILE B 231 11.05 2.03 -11.28
N LEU B 232 11.81 2.88 -12.00
CA LEU B 232 12.50 2.47 -13.21
C LEU B 232 13.94 3.00 -13.17
N SER B 233 14.84 2.31 -13.88
CA SER B 233 16.20 2.84 -14.05
C SER B 233 16.84 2.21 -15.28
N ASN B 234 17.83 2.91 -15.83
CA ASN B 234 18.64 2.29 -16.92
C ASN B 234 19.87 1.63 -16.31
N ASP B 235 20.04 1.71 -14.99
CA ASP B 235 21.19 1.11 -14.31
C ASP B 235 20.75 -0.11 -13.48
N PRO B 236 20.93 -1.34 -13.96
CA PRO B 236 20.45 -2.50 -13.20
C PRO B 236 21.22 -2.77 -11.92
N GLU B 237 22.43 -2.24 -11.77
CA GLU B 237 23.14 -2.32 -10.48
C GLU B 237 22.52 -1.38 -9.44
N LEU B 238 22.14 -0.17 -9.84
CA LEU B 238 21.37 0.66 -8.92
C LEU B 238 20.02 0.01 -8.60
N GLY B 239 19.38 -0.63 -9.58
CA GLY B 239 18.08 -1.29 -9.35
C GLY B 239 18.13 -2.36 -8.28
N LYS B 240 19.12 -3.13 -8.17
CA LYS B 240 19.34 -4.22 -7.19
C LYS B 240 19.34 -3.62 -5.77
N ARG B 241 20.11 -2.52 -5.67
CA ARG B 241 20.12 -1.81 -4.37
C ARG B 241 18.69 -1.40 -4.02
N ILE B 242 17.98 -0.81 -4.99
CA ILE B 242 16.61 -0.28 -4.69
C ILE B 242 15.66 -1.44 -4.37
N ASP B 243 15.82 -2.56 -5.08
CA ASP B 243 14.97 -3.71 -4.78
C ASP B 243 15.05 -4.08 -3.31
N LYS B 244 16.25 -4.05 -2.74
CA LYS B 244 16.42 -4.41 -1.33
C LYS B 244 15.80 -3.39 -0.41
N LEU B 245 15.77 -2.11 -0.81
CA LEU B 245 15.12 -1.13 0.05
C LEU B 245 13.60 -1.27 0.01
N ILE B 246 13.03 -1.69 -1.12
CA ILE B 246 11.55 -1.98 -1.18
C ILE B 246 11.24 -3.17 -0.26
N PHE B 247 11.99 -4.24 -0.42
CA PHE B 247 11.85 -5.43 0.44
C PHE B 247 13.24 -6.03 0.65
N PRO B 248 13.74 -6.24 1.84
CA PRO B 248 12.93 -6.12 3.06
C PRO B 248 12.97 -4.75 3.75
N GLY B 249 13.46 -3.73 3.05
CA GLY B 249 13.65 -2.40 3.65
C GLY B 249 12.42 -1.72 4.21
N ILE B 250 11.42 -1.43 3.39
CA ILE B 250 10.29 -0.59 3.87
C ILE B 250 8.91 -1.25 3.69
N GLN B 251 8.84 -2.33 2.93
CA GLN B 251 7.55 -3.03 2.77
C GLN B 251 7.65 -4.51 3.15
N GLY B 252 6.49 -5.14 3.28
CA GLY B 252 6.46 -6.60 3.46
C GLY B 252 5.94 -7.22 2.18
N GLY B 253 4.78 -7.87 2.26
CA GLY B 253 4.23 -8.52 1.10
C GLY B 253 3.71 -7.50 0.10
N PRO B 254 3.96 -7.72 -1.19
CA PRO B 254 3.41 -6.80 -2.20
C PRO B 254 1.94 -7.13 -2.44
N LEU B 255 1.25 -6.18 -3.07
CA LEU B 255 -0.18 -6.37 -3.38
C LEU B 255 -0.24 -6.93 -4.80
N GLU B 256 -0.24 -8.26 -4.92
CA GLU B 256 -0.07 -8.85 -6.26
C GLU B 256 -1.32 -8.71 -7.12
N HIS B 257 -2.50 -8.57 -6.50
CA HIS B 257 -3.69 -8.22 -7.28
C HIS B 257 -3.55 -6.84 -7.92
N VAL B 258 -2.93 -5.89 -7.21
CA VAL B 258 -2.71 -4.56 -7.79
C VAL B 258 -1.64 -4.64 -8.87
N ILE B 259 -0.61 -5.45 -8.63
CA ILE B 259 0.44 -5.63 -9.64
C ILE B 259 -0.15 -6.25 -10.91
N ALA B 260 -1.12 -7.16 -10.77
CA ALA B 260 -1.81 -7.66 -11.96
C ALA B 260 -2.53 -6.53 -12.68
N GLY B 261 -3.19 -5.63 -11.93
CA GLY B 261 -3.76 -4.42 -12.51
C GLY B 261 -2.73 -3.52 -13.20
N LYS B 262 -1.51 -3.43 -12.65
CA LYS B 262 -0.48 -2.65 -13.32
C LYS B 262 -0.12 -3.27 -14.68
N ALA B 263 -0.01 -4.59 -14.72
CA ALA B 263 0.30 -5.28 -15.98
C ALA B 263 -0.75 -4.96 -17.03
N VAL B 264 -2.01 -4.98 -16.63
CA VAL B 264 -3.10 -4.63 -17.55
C VAL B 264 -3.00 -3.18 -18.02
N ALA B 265 -2.74 -2.25 -17.09
CA ALA B 265 -2.60 -0.84 -17.48
C ALA B 265 -1.46 -0.64 -18.44
N PHE B 266 -0.34 -1.35 -18.24
CA PHE B 266 0.76 -1.24 -19.18
C PHE B 266 0.38 -1.79 -20.55
N PHE B 267 -0.35 -2.90 -20.58
CA PHE B 267 -0.89 -3.43 -21.84
C PHE B 267 -1.78 -2.40 -22.55
N GLU B 268 -2.68 -1.73 -21.80
CA GLU B 268 -3.52 -0.71 -22.42
C GLU B 268 -2.69 0.47 -22.94
N ALA B 269 -1.65 0.87 -22.20
CA ALA B 269 -0.82 2.00 -22.60
C ALA B 269 0.05 1.69 -23.82
N LEU B 270 0.28 0.42 -24.11
CA LEU B 270 1.03 0.02 -25.31
C LEU B 270 0.18 0.03 -26.58
N GLN B 271 -1.13 0.14 -26.48
CA GLN B 271 -2.00 0.15 -27.65
C GLN B 271 -1.99 1.52 -28.34
N PRO B 272 -2.14 1.55 -29.68
CA PRO B 272 -2.23 2.83 -30.40
C PRO B 272 -3.27 3.79 -29.85
N GLU B 273 -4.42 3.27 -29.39
CA GLU B 273 -5.48 4.12 -28.84
C GLU B 273 -4.99 4.98 -27.68
N PHE B 274 -4.01 4.50 -26.93
CA PHE B 274 -3.56 5.27 -25.77
C PHE B 274 -2.86 6.55 -26.19
N LYS B 275 -2.17 6.52 -27.34
CA LYS B 275 -1.54 7.73 -27.85
C LYS B 275 -2.58 8.78 -28.27
N GLU B 276 -3.66 8.33 -28.93
CA GLU B 276 -4.74 9.25 -29.29
C GLU B 276 -5.41 9.84 -28.06
N TYR B 277 -5.68 8.99 -27.06
CA TYR B 277 -6.22 9.48 -25.80
C TYR B 277 -5.32 10.57 -25.22
N SER B 278 -4.01 10.28 -25.10
CA SER B 278 -3.08 11.22 -24.47
C SER B 278 -2.98 12.53 -25.25
N ARG B 279 -3.03 12.46 -26.58
CA ARG B 279 -3.03 13.69 -27.35
C ARG B 279 -4.27 14.51 -27.02
N LEU B 280 -5.44 13.88 -26.89
CA LEU B 280 -6.62 14.64 -26.53
C LEU B 280 -6.56 15.22 -25.13
N VAL B 281 -5.91 14.53 -24.18
CA VAL B 281 -5.74 15.07 -22.84
C VAL B 281 -5.10 16.45 -22.90
N VAL B 282 -3.98 16.54 -23.62
CA VAL B 282 -3.23 17.79 -23.69
C VAL B 282 -3.99 18.83 -24.50
N GLU B 283 -4.60 18.42 -25.61
CA GLU B 283 -5.43 19.37 -26.37
C GLU B 283 -6.55 19.94 -25.51
N ASN B 284 -7.24 19.09 -24.73
CA ASN B 284 -8.30 19.57 -23.85
C ASN B 284 -7.76 20.54 -22.83
N ALA B 285 -6.60 20.26 -22.23
CA ALA B 285 -6.09 21.14 -21.18
C ALA B 285 -5.71 22.50 -21.75
N LYS B 286 -5.05 22.52 -22.90
CA LYS B 286 -4.67 23.79 -23.54
C LYS B 286 -5.91 24.61 -23.87
N ARG B 287 -6.93 23.96 -24.44
CA ARG B 287 -8.16 24.67 -24.83
C ARG B 287 -8.94 25.17 -23.61
N LEU B 288 -9.09 24.33 -22.58
CA LEU B 288 -9.82 24.78 -21.39
C LEU B 288 -9.13 25.97 -20.72
N ALA B 289 -7.79 25.93 -20.65
CA ALA B 289 -7.05 27.04 -20.04
C ALA B 289 -7.25 28.32 -20.86
N GLU B 290 -7.19 28.18 -22.19
CA GLU B 290 -7.40 29.32 -23.07
C GLU B 290 -8.79 29.90 -22.89
N GLU B 291 -9.82 29.04 -22.76
CA GLU B 291 -11.19 29.50 -22.60
C GLU B 291 -11.39 30.20 -21.26
N LEU B 292 -10.72 29.72 -20.21
CA LEU B 292 -10.80 30.43 -18.93
C LEU B 292 -10.04 31.75 -18.99
N ALA B 293 -8.91 31.80 -19.65
CA ALA B 293 -8.16 33.04 -19.82
C ALA B 293 -8.98 34.11 -20.54
N ARG B 294 -9.74 33.70 -21.54
CA ARG B 294 -10.61 34.60 -22.29
C ARG B 294 -11.75 35.17 -21.43
N ARG B 295 -12.10 34.48 -20.35
CA ARG B 295 -13.08 34.98 -19.41
C ARG B 295 -12.43 35.81 -18.30
N GLY B 296 -11.13 36.04 -18.38
CA GLY B 296 -10.45 36.91 -17.44
C GLY B 296 -9.74 36.22 -16.29
N TYR B 297 -9.63 34.89 -16.29
CA TYR B 297 -8.91 34.18 -15.23
C TYR B 297 -7.42 34.19 -15.52
N ARG B 298 -6.60 34.31 -14.48
CA ARG B 298 -5.16 34.32 -14.66
C ARG B 298 -4.63 32.89 -14.56
N ILE B 299 -4.04 32.40 -15.65
CA ILE B 299 -3.49 31.05 -15.71
C ILE B 299 -2.02 31.15 -15.40
N VAL B 300 -1.55 30.38 -14.40
CA VAL B 300 -0.12 30.42 -14.03
C VAL B 300 0.74 29.98 -15.20
N THR B 301 1.82 30.74 -15.45
CA THR B 301 2.72 30.66 -16.62
C THR B 301 2.02 30.99 -17.93
N GLY B 302 0.73 31.33 -17.92
CA GLY B 302 0.04 31.72 -19.13
C GLY B 302 -0.60 30.58 -19.89
N GLY B 303 -0.44 29.34 -19.45
CA GLY B 303 -0.93 28.21 -20.22
C GLY B 303 -0.39 26.92 -19.64
N THR B 304 -0.26 25.90 -20.52
CA THR B 304 0.25 24.61 -20.07
C THR B 304 0.80 23.86 -21.27
N ASP B 305 1.85 23.05 -21.02
CA ASP B 305 2.35 22.06 -21.96
C ASP B 305 1.81 20.67 -21.69
N ASN B 306 1.05 20.48 -20.62
CA ASN B 306 0.73 19.10 -20.27
C ASN B 306 -0.76 18.96 -19.95
N HIS B 307 -1.11 18.09 -19.00
CA HIS B 307 -2.53 17.76 -18.70
C HIS B 307 -3.15 18.66 -17.63
N LEU B 308 -2.38 19.63 -17.04
CA LEU B 308 -2.93 20.42 -15.92
C LEU B 308 -2.63 21.92 -16.01
N PHE B 309 -3.33 22.66 -15.31
CA PHE B 309 -3.05 24.11 -15.22
C PHE B 309 -3.52 24.62 -13.85
N LEU B 310 -2.98 25.76 -13.47
CA LEU B 310 -3.31 26.43 -12.21
C LEU B 310 -3.97 27.76 -12.50
N VAL B 311 -5.01 28.07 -11.76
CA VAL B 311 -5.70 29.35 -11.83
C VAL B 311 -5.34 30.16 -10.57
N ASP B 312 -4.75 31.33 -10.76
CA ASP B 312 -4.52 32.32 -9.69
C ASP B 312 -5.81 33.07 -9.42
N LEU B 313 -6.42 32.86 -8.25
CA LEU B 313 -7.70 33.47 -7.95
C LEU B 313 -7.61 34.76 -7.15
N ARG B 314 -6.39 35.21 -6.84
CA ARG B 314 -6.24 36.45 -6.07
C ARG B 314 -6.95 37.63 -6.74
N PRO B 315 -6.85 37.86 -8.06
CA PRO B 315 -7.56 39.01 -8.65
C PRO B 315 -9.05 38.96 -8.48
N LYS B 316 -9.63 37.77 -8.35
CA LYS B 316 -11.08 37.63 -8.20
C LYS B 316 -11.53 37.60 -6.75
N GLY B 317 -10.61 37.82 -5.82
CA GLY B 317 -10.99 37.89 -4.42
C GLY B 317 -11.50 36.59 -3.83
N LEU B 318 -11.05 35.45 -4.34
CA LEU B 318 -11.50 34.15 -3.89
C LEU B 318 -10.29 33.38 -3.38
N THR B 319 -10.43 32.68 -2.26
CA THR B 319 -9.41 31.71 -1.90
C THR B 319 -9.64 30.39 -2.63
N GLY B 320 -8.57 29.61 -2.77
CA GLY B 320 -8.71 28.31 -3.40
C GLY B 320 -9.71 27.42 -2.69
N LYS B 321 -9.75 27.49 -1.36
CA LYS B 321 -10.74 26.73 -0.59
C LYS B 321 -12.17 27.12 -0.95
N GLU B 322 -12.43 28.42 -1.05
N GLU B 322 -12.42 28.42 -1.08
CA GLU B 322 -13.80 28.89 -1.38
CA GLU B 322 -13.81 28.88 -1.37
C GLU B 322 -14.18 28.43 -2.79
C GLU B 322 -14.19 28.47 -2.80
N ALA B 323 -13.26 28.57 -3.75
CA ALA B 323 -13.57 28.16 -5.11
C ALA B 323 -13.86 26.67 -5.19
N GLU B 324 -13.04 25.85 -4.52
CA GLU B 324 -13.28 24.41 -4.49
C GLU B 324 -14.66 24.08 -3.98
N GLU B 325 -15.08 24.77 -2.90
CA GLU B 325 -16.41 24.52 -2.32
C GLU B 325 -17.53 24.96 -3.26
N ARG B 326 -17.40 26.15 -3.86
CA ARG B 326 -18.42 26.63 -4.80
C ARG B 326 -18.57 25.67 -5.99
N LEU B 327 -17.46 25.19 -6.54
CA LEU B 327 -17.53 24.29 -7.68
C LEU B 327 -18.10 22.94 -7.28
N ASP B 328 -17.67 22.45 -6.12
CA ASP B 328 -18.15 21.15 -5.65
C ASP B 328 -19.66 21.14 -5.47
N ALA B 329 -20.22 22.27 -5.03
CA ALA B 329 -21.66 22.38 -4.83
C ALA B 329 -22.43 22.18 -6.11
N VAL B 330 -21.83 22.41 -7.27
CA VAL B 330 -22.56 22.17 -8.51
C VAL B 330 -22.04 20.94 -9.25
N GLY B 331 -21.26 20.08 -8.57
CA GLY B 331 -20.78 18.86 -9.19
C GLY B 331 -19.54 19.00 -10.04
N ILE B 332 -18.78 20.08 -9.87
CA ILE B 332 -17.50 20.25 -10.56
C ILE B 332 -16.42 20.10 -9.50
N THR B 333 -15.68 19.00 -9.63
CA THR B 333 -14.71 18.62 -8.59
C THR B 333 -13.30 19.07 -8.95
N VAL B 334 -12.71 19.95 -8.20
CA VAL B 334 -11.31 20.33 -8.42
C VAL B 334 -10.63 20.21 -7.04
N ASN B 335 -9.39 20.68 -6.95
CA ASN B 335 -8.77 20.80 -5.61
C ASN B 335 -8.16 22.20 -5.46
N LYS B 336 -8.36 22.80 -4.30
CA LYS B 336 -7.64 24.04 -3.98
C LYS B 336 -6.17 23.66 -4.15
N ASN B 337 -5.36 24.61 -4.59
CA ASN B 337 -3.93 24.31 -4.83
C ASN B 337 -3.06 25.54 -4.60
N ALA B 338 -1.93 25.30 -3.95
CA ALA B 338 -0.95 26.38 -3.72
C ALA B 338 -0.48 26.88 -5.08
N ILE B 339 -0.26 28.18 -5.18
CA ILE B 339 0.34 28.78 -6.40
C ILE B 339 1.75 29.30 -6.04
N PRO B 340 2.65 29.51 -7.03
CA PRO B 340 3.97 30.08 -6.75
C PRO B 340 3.86 31.34 -5.89
N PHE B 341 4.61 31.39 -4.79
CA PHE B 341 4.64 32.55 -3.89
C PHE B 341 3.30 32.76 -3.21
N ASP B 342 2.55 31.67 -2.98
CA ASP B 342 1.22 31.77 -2.37
C ASP B 342 1.33 32.41 -0.98
N PRO B 343 0.63 33.51 -0.69
CA PRO B 343 0.62 34.04 0.67
C PRO B 343 -0.19 33.21 1.65
N LYS B 344 -1.00 32.28 1.16
CA LYS B 344 -1.92 31.51 2.05
C LYS B 344 -1.41 30.09 2.29
N PRO B 345 -1.74 29.49 3.44
CA PRO B 345 -1.22 28.13 3.75
C PRO B 345 -1.95 27.07 2.95
N PRO B 346 -1.35 25.87 2.83
CA PRO B 346 -1.93 24.80 1.98
C PRO B 346 -3.36 24.43 2.31
N ARG B 347 -3.85 24.69 3.52
CA ARG B 347 -5.24 24.37 3.81
C ARG B 347 -6.22 25.37 3.21
N VAL B 348 -5.71 26.52 2.77
CA VAL B 348 -6.58 27.58 2.19
C VAL B 348 -6.20 27.80 0.73
N THR B 349 -4.98 28.29 0.46
CA THR B 349 -4.45 28.48 -0.92
C THR B 349 -5.06 29.70 -1.62
N SER B 350 -4.38 30.14 -2.65
CA SER B 350 -4.90 31.26 -3.46
C SER B 350 -5.26 30.77 -4.88
N GLY B 351 -5.31 29.44 -5.11
CA GLY B 351 -5.59 29.00 -6.47
C GLY B 351 -6.34 27.68 -6.48
N ILE B 352 -6.69 27.25 -7.69
CA ILE B 352 -7.21 25.90 -7.90
C ILE B 352 -6.41 25.27 -9.01
N ARG B 353 -6.30 23.94 -8.97
CA ARG B 353 -5.67 23.16 -10.03
C ARG B 353 -6.73 22.39 -10.78
N ILE B 354 -6.62 22.41 -12.10
CA ILE B 354 -7.57 21.69 -12.99
C ILE B 354 -6.77 20.78 -13.94
N GLY B 355 -7.27 19.58 -14.18
CA GLY B 355 -6.65 18.62 -15.10
C GLY B 355 -7.68 17.94 -15.98
N THR B 356 -7.28 17.52 -17.17
CA THR B 356 -8.18 16.93 -18.18
C THR B 356 -8.20 15.39 -18.29
N PRO B 357 -7.26 14.62 -17.69
CA PRO B 357 -7.24 13.16 -17.91
C PRO B 357 -8.58 12.44 -17.67
N ALA B 358 -9.24 12.79 -16.57
CA ALA B 358 -10.44 12.03 -16.26
C ALA B 358 -11.57 12.33 -17.25
N ILE B 359 -11.84 13.61 -17.53
CA ILE B 359 -12.94 13.88 -18.46
C ILE B 359 -12.56 13.48 -19.87
N THR B 360 -11.26 13.47 -20.20
CA THR B 360 -10.92 12.97 -21.53
C THR B 360 -11.21 11.48 -21.65
N THR B 361 -10.99 10.72 -20.58
CA THR B 361 -11.34 9.30 -20.61
C THR B 361 -12.82 9.09 -20.89
N ARG B 362 -13.66 10.02 -20.45
CA ARG B 362 -15.10 9.97 -20.69
C ARG B 362 -15.50 10.54 -22.06
N GLY B 363 -14.55 10.83 -22.95
CA GLY B 363 -14.87 11.24 -24.29
C GLY B 363 -15.13 12.72 -24.49
N PHE B 364 -14.79 13.58 -23.52
CA PHE B 364 -14.87 15.02 -23.76
C PHE B 364 -13.84 15.45 -24.81
N THR B 365 -14.24 16.36 -25.70
CA THR B 365 -13.41 16.81 -26.81
C THR B 365 -13.12 18.30 -26.67
N PRO B 366 -12.13 18.81 -27.41
CA PRO B 366 -11.79 20.24 -27.25
C PRO B 366 -12.95 21.18 -27.54
N GLU B 367 -13.82 20.80 -28.47
CA GLU B 367 -14.98 21.67 -28.83
C GLU B 367 -15.94 21.80 -27.63
N GLU B 368 -15.90 20.87 -26.68
CA GLU B 368 -16.75 20.97 -25.51
C GLU B 368 -16.16 21.82 -24.40
N MET B 369 -14.88 22.19 -24.52
CA MET B 369 -14.25 22.96 -23.43
C MET B 369 -14.85 24.34 -23.23
N PRO B 370 -15.35 25.06 -24.26
CA PRO B 370 -16.03 26.34 -23.99
C PRO B 370 -17.22 26.21 -23.06
N LEU B 371 -17.96 25.12 -23.17
CA LEU B 371 -19.09 24.89 -22.27
C LEU B 371 -18.61 24.60 -20.85
N VAL B 372 -17.55 23.80 -20.71
CA VAL B 372 -17.00 23.55 -19.38
C VAL B 372 -16.51 24.86 -18.78
N ALA B 373 -15.81 25.69 -19.57
CA ALA B 373 -15.32 26.96 -19.01
C ALA B 373 -16.48 27.84 -18.56
N GLU B 374 -17.58 27.83 -19.29
CA GLU B 374 -18.74 28.66 -18.92
C GLU B 374 -19.31 28.22 -17.57
N LEU B 375 -19.44 26.90 -17.38
CA LEU B 375 -19.98 26.41 -16.11
C LEU B 375 -19.08 26.77 -14.94
N ILE B 376 -17.76 26.67 -15.13
CA ILE B 376 -16.85 27.01 -14.07
C ILE B 376 -16.98 28.48 -13.70
N ASP B 377 -16.95 29.35 -14.71
CA ASP B 377 -17.06 30.80 -14.52
C ASP B 377 -18.33 31.16 -13.75
N ARG B 378 -19.46 30.60 -14.15
CA ARG B 378 -20.73 30.91 -13.51
C ARG B 378 -20.75 30.48 -12.05
N ALA B 379 -20.19 29.30 -11.74
CA ALA B 379 -20.20 28.85 -10.35
C ALA B 379 -19.31 29.74 -9.48
N LEU B 380 -18.21 30.25 -10.04
CA LEU B 380 -17.36 31.14 -9.25
C LEU B 380 -17.98 32.52 -9.06
N LEU B 381 -18.51 33.12 -10.11
CA LEU B 381 -19.02 34.50 -10.02
C LEU B 381 -20.39 34.55 -9.37
N GLU B 382 -21.29 33.71 -9.85
CA GLU B 382 -22.71 33.72 -9.39
C GLU B 382 -22.96 32.79 -8.20
N GLY B 383 -22.05 31.87 -7.93
CA GLY B 383 -22.24 30.97 -6.82
C GLY B 383 -23.13 29.80 -7.18
N PRO B 384 -23.20 28.82 -6.27
CA PRO B 384 -23.97 27.60 -6.54
C PRO B 384 -25.46 27.87 -6.66
N SER B 385 -26.21 27.17 -7.58
CA SER B 385 -27.67 27.19 -7.78
C SER B 385 -28.14 25.79 -8.22
N GLU B 386 -29.30 25.56 -8.05
CA GLU B 386 -29.89 24.30 -8.49
C GLU B 386 -29.88 24.19 -10.02
N ALA B 387 -30.14 25.29 -10.73
CA ALA B 387 -30.17 25.24 -12.19
C ALA B 387 -28.78 25.00 -12.75
N LEU B 388 -27.74 25.48 -12.11
CA LEU B 388 -26.38 25.24 -12.57
C LEU B 388 -26.00 23.76 -12.39
N ARG B 389 -26.38 23.21 -11.26
CA ARG B 389 -26.09 21.80 -10.96
C ARG B 389 -26.69 20.91 -12.00
N GLU B 390 -27.93 21.19 -12.34
CA GLU B 390 -28.61 20.39 -13.32
C GLU B 390 -27.93 20.42 -14.69
N GLU B 391 -27.43 21.56 -15.06
CA GLU B 391 -26.73 21.70 -16.37
C GLU B 391 -25.44 20.87 -16.32
N VAL B 392 -24.70 21.01 -15.21
CA VAL B 392 -23.53 20.13 -15.09
C VAL B 392 -23.95 18.66 -15.20
N ARG B 393 -24.97 18.24 -14.50
CA ARG B 393 -25.42 16.86 -14.53
C ARG B 393 -25.74 16.33 -15.93
N ARG B 394 -26.45 17.12 -16.71
CA ARG B 394 -26.82 16.71 -18.06
C ARG B 394 -25.62 16.52 -18.95
N LEU B 395 -24.71 17.45 -18.87
CA LEU B 395 -23.49 17.38 -19.65
C LEU B 395 -22.70 16.12 -19.25
N ALA B 396 -22.55 15.92 -17.95
CA ALA B 396 -21.80 14.75 -17.50
C ALA B 396 -22.48 13.45 -17.95
N LEU B 397 -23.80 13.32 -17.70
CA LEU B 397 -24.52 12.09 -18.07
C LEU B 397 -24.48 11.84 -19.57
N ALA B 398 -24.26 12.87 -20.39
CA ALA B 398 -24.17 12.65 -21.82
C ALA B 398 -22.89 11.93 -22.22
N HIS B 399 -21.96 11.74 -21.30
CA HIS B 399 -20.72 11.06 -21.62
C HIS B 399 -20.64 9.75 -20.83
N PRO B 400 -20.21 8.66 -21.45
CA PRO B 400 -20.17 7.39 -20.73
C PRO B 400 -18.98 7.31 -19.77
N MET B 401 -19.05 6.32 -18.90
CA MET B 401 -17.95 6.04 -17.96
C MET B 401 -17.34 4.72 -18.38
N PRO B 402 -16.02 4.49 -18.21
CA PRO B 402 -15.44 3.19 -18.50
C PRO B 402 -16.11 2.15 -17.58
#